data_4S0S
#
_entry.id   4S0S
#
_cell.length_a   119.234
_cell.length_b   119.234
_cell.length_c   83.706
_cell.angle_alpha   90.000
_cell.angle_beta   90.000
_cell.angle_gamma   90.000
#
_symmetry.space_group_name_H-M   'P 4'
#
loop_
_entity.id
_entity.type
_entity.pdbx_description
1 polymer 'Nuclear receptor subfamily 1 group I member 2'
2 polymer Adnectin-1
#
loop_
_entity_poly.entity_id
_entity_poly.type
_entity_poly.pdbx_seq_one_letter_code
_entity_poly.pdbx_strand_id
1 'polypeptide(L)'
;MKKHHHHHHGSERTGTQPLGVQGLTEEQRMMIRELMDAQMKTFDTTFSHFKNFRLPGVLSSGCELPESLQAPSREEAAKW
SQVRKDLCSLKVSLQLRGEDGSVWNYKPPADSGGKEIFSLLPHMADMSTYMFKGIISFAKVISYFRDLPIEDQISLLKGA
AFELCQLRFNTVFNAETGTWECGRLSYCLEDTAGGFQQLLLEPMLKFHYMLKKLQLHEEEYVLMQAISLFSPDRPGVLQH
RVVDQLQEQFAITLKSYIECNRPQPAHRFLFLKIMAMLTELRSINAQHTQRLLRIQDIHPFATPLMQELFGITGS
;
A,B
2 'polypeptide(L)'
;MASTSGSTHYYKQTADLEVVAATPTSLLISWPPPYYVEGVTVFRITYGETGGNSPVQEFTVPYWTETATISGLKPGVDYT
ITVYAEMYPGSPWAGQVMDIQPISINYRTEGSGSHHHHHH
;
D,E
#
# COMPACT_ATOMS: atom_id res chain seq x y z
N LEU A 24 25.33 24.65 39.36
CA LEU A 24 23.98 24.17 39.12
C LEU A 24 23.35 23.61 40.40
N THR A 25 22.31 24.26 40.88
CA THR A 25 21.81 24.00 42.20
C THR A 25 21.23 22.60 42.23
N GLU A 26 21.21 21.99 43.41
CA GLU A 26 20.85 20.60 43.52
C GLU A 26 19.43 20.48 43.00
N GLU A 27 18.64 21.49 43.27
CA GLU A 27 17.28 21.56 42.77
C GLU A 27 17.23 21.63 41.25
N GLN A 28 18.11 22.41 40.65
CA GLN A 28 18.18 22.48 39.19
C GLN A 28 18.57 21.14 38.59
N ARG A 29 19.55 20.50 39.20
CA ARG A 29 20.02 19.22 38.69
C ARG A 29 18.90 18.22 38.78
N MET A 30 18.16 18.28 39.87
CA MET A 30 17.01 17.42 40.08
C MET A 30 15.94 17.68 39.03
N MET A 31 15.73 18.96 38.71
CA MET A 31 14.71 19.32 37.75
C MET A 31 15.01 18.73 36.38
N ILE A 32 16.26 18.85 35.96
CA ILE A 32 16.71 18.28 34.70
C ILE A 32 16.59 16.76 34.69
N ARG A 33 16.87 16.14 35.83
CA ARG A 33 16.79 14.70 35.94
C ARG A 33 15.35 14.25 35.72
N GLU A 34 14.40 14.96 36.32
CA GLU A 34 13.01 14.61 36.15
C GLU A 34 12.57 14.76 34.70
N LEU A 35 13.00 15.83 34.06
CA LEU A 35 12.63 16.08 32.67
C LEU A 35 13.17 14.99 31.77
N MET A 36 14.40 14.57 32.04
CA MET A 36 15.05 13.54 31.26
C MET A 36 14.32 12.22 31.38
N ASP A 37 13.88 11.90 32.59
CA ASP A 37 13.13 10.67 32.82
C ASP A 37 11.83 10.67 32.05
N ALA A 38 11.14 11.80 32.08
CA ALA A 38 9.84 11.90 31.44
C ALA A 38 9.94 11.73 29.94
N GLN A 39 10.97 12.31 29.34
CA GLN A 39 11.14 12.21 27.92
C GLN A 39 11.38 10.77 27.52
N MET A 40 12.24 10.10 28.26
CA MET A 40 12.61 8.73 27.94
C MET A 40 11.43 7.77 28.04
N LYS A 41 10.68 7.85 29.14
CA LYS A 41 9.38 7.18 29.20
C LYS A 41 8.39 7.75 28.21
N THR A 42 8.33 9.07 28.14
CA THR A 42 7.33 9.78 27.35
C THR A 42 7.45 9.50 25.86
N PHE A 43 8.67 9.44 25.36
CA PHE A 43 8.92 9.65 23.94
C PHE A 43 9.49 8.41 23.29
N ASP A 44 8.85 7.92 22.24
CA ASP A 44 9.39 6.79 21.51
C ASP A 44 10.11 7.28 20.28
N THR A 45 11.44 7.34 20.37
CA THR A 45 12.25 7.80 19.26
C THR A 45 12.13 6.88 18.04
N THR A 46 12.01 5.59 18.32
CA THR A 46 11.88 4.57 17.29
C THR A 46 10.60 4.71 16.47
N PHE A 47 9.52 5.11 17.10
CA PHE A 47 8.18 4.94 16.54
C PHE A 47 7.89 3.48 16.28
N SER A 48 8.40 2.62 17.15
CA SER A 48 8.11 1.20 17.08
C SER A 48 6.63 0.93 17.26
N HIS A 49 6.02 1.70 18.16
CA HIS A 49 4.66 1.43 18.60
C HIS A 49 3.63 2.21 17.79
N PHE A 50 4.10 2.89 16.75
CA PHE A 50 3.18 3.61 15.89
C PHE A 50 2.72 2.69 14.77
N LYS A 51 1.43 2.37 14.80
CA LYS A 51 0.89 1.28 13.98
C LYS A 51 -0.51 1.63 13.51
N ASN A 52 -0.94 1.01 12.43
CA ASN A 52 -2.35 1.03 12.07
C ASN A 52 -2.75 2.39 11.51
N PHE A 53 -1.76 3.18 11.13
CA PHE A 53 -2.00 4.45 10.47
C PHE A 53 -2.57 4.25 9.07
N ARG A 54 -3.41 5.20 8.66
CA ARG A 54 -3.88 5.27 7.29
C ARG A 54 -2.77 5.69 6.33
N LEU A 55 -2.89 5.28 5.07
CA LEU A 55 -1.95 5.66 4.05
C LEU A 55 -2.66 6.17 2.80
N PRO A 56 -2.04 7.11 2.10
CA PRO A 56 -2.58 7.58 0.83
C PRO A 56 -2.67 6.44 -0.17
N GLY A 57 -3.69 6.47 -1.02
CA GLY A 57 -3.80 5.49 -2.09
C GLY A 57 -4.23 4.14 -1.58
N VAL A 58 -4.71 4.12 -0.34
CA VAL A 58 -4.99 2.86 0.34
C VAL A 58 -6.32 2.92 1.08
N SER A 73 -17.89 26.95 -7.19
CA SER A 73 -19.11 26.56 -7.89
C SER A 73 -19.97 25.64 -7.03
N ARG A 74 -19.53 25.42 -5.80
CA ARG A 74 -19.68 26.41 -4.75
C ARG A 74 -18.76 27.61 -5.01
N GLU A 75 -19.11 28.74 -4.41
CA GLU A 75 -18.30 29.32 -3.34
C GLU A 75 -18.93 29.00 -1.99
N GLU A 76 -18.21 28.25 -1.16
CA GLU A 76 -17.09 28.78 -0.40
C GLU A 76 -15.96 29.26 -1.31
N ALA A 77 -15.73 28.52 -2.38
CA ALA A 77 -14.38 28.14 -2.77
C ALA A 77 -13.58 29.33 -3.25
N ALA A 78 -12.27 29.28 -3.08
CA ALA A 78 -11.48 30.48 -2.88
C ALA A 78 -11.52 30.95 -1.44
N LYS A 79 -12.15 30.16 -0.59
CA LYS A 79 -11.46 29.51 0.52
C LYS A 79 -10.40 28.56 0.00
N TRP A 80 -10.74 27.84 -1.06
CA TRP A 80 -9.93 26.72 -1.52
C TRP A 80 -8.55 27.20 -1.92
N SER A 81 -8.50 28.36 -2.56
CA SER A 81 -7.25 28.90 -3.04
C SER A 81 -6.32 29.19 -1.88
N GLN A 82 -6.87 29.73 -0.79
CA GLN A 82 -6.12 29.85 0.45
C GLN A 82 -5.72 28.49 1.04
N VAL A 83 -6.66 27.55 1.03
CA VAL A 83 -6.40 26.24 1.59
C VAL A 83 -5.28 25.55 0.82
N ARG A 84 -5.29 25.75 -0.49
CA ARG A 84 -4.26 25.17 -1.35
C ARG A 84 -2.89 25.72 -0.95
N LYS A 85 -2.87 27.00 -0.59
CA LYS A 85 -1.62 27.61 -0.16
C LYS A 85 -1.11 26.95 1.11
N ASP A 86 -2.01 26.70 2.06
CA ASP A 86 -1.62 26.08 3.31
C ASP A 86 -1.08 24.67 3.09
N LEU A 87 -1.75 23.91 2.23
CA LEU A 87 -1.30 22.57 1.89
C LEU A 87 0.05 22.61 1.20
N CYS A 88 0.25 23.63 0.37
CA CYS A 88 1.37 23.66 -0.55
C CYS A 88 2.69 23.66 0.21
N SER A 89 2.70 24.36 1.33
CA SER A 89 3.90 24.50 2.15
C SER A 89 4.34 23.14 2.69
N LEU A 90 3.37 22.32 3.06
CA LEU A 90 3.64 21.11 3.81
C LEU A 90 4.52 20.16 3.02
N LYS A 91 4.26 20.06 1.72
CA LYS A 91 4.12 18.76 1.07
C LYS A 91 5.42 17.94 1.11
N VAL A 92 5.27 16.65 1.41
CA VAL A 92 6.42 15.77 1.62
C VAL A 92 6.25 14.44 0.90
N SER A 93 7.35 13.85 0.45
CA SER A 93 7.41 12.42 0.16
C SER A 93 7.36 11.58 1.42
N LEU A 94 6.80 10.38 1.30
CA LEU A 94 6.74 9.44 2.40
C LEU A 94 7.42 8.11 2.05
N GLN A 95 8.28 7.64 2.93
CA GLN A 95 8.98 6.38 2.72
C GLN A 95 8.74 5.39 3.85
N LEU A 96 8.47 4.14 3.50
CA LEU A 96 8.28 3.07 4.48
C LEU A 96 9.31 1.98 4.29
N ARG A 97 9.91 1.54 5.37
CA ARG A 97 10.94 0.51 5.31
C ARG A 97 10.39 -0.77 5.88
N GLY A 98 10.53 -1.85 5.10
CA GLY A 98 10.03 -3.15 5.50
C GLY A 98 10.85 -3.78 6.60
N GLU A 99 10.23 -4.71 7.32
CA GLU A 99 10.96 -5.71 8.10
C GLU A 99 11.80 -6.55 7.15
N ASP A 100 11.27 -6.73 5.95
CA ASP A 100 12.02 -7.39 4.88
C ASP A 100 13.26 -6.57 4.56
N GLY A 101 13.19 -5.26 4.73
CA GLY A 101 14.06 -4.35 4.01
C GLY A 101 13.56 -3.97 2.62
N SER A 102 12.32 -4.31 2.32
CA SER A 102 11.58 -3.64 1.27
C SER A 102 11.37 -2.18 1.61
N VAL A 103 11.42 -1.32 0.60
CA VAL A 103 11.06 0.08 0.74
C VAL A 103 9.87 0.43 -0.13
N TRP A 104 8.89 1.11 0.47
CA TRP A 104 7.80 1.70 -0.28
C TRP A 104 7.97 3.21 -0.30
N ASN A 105 7.89 3.80 -1.48
CA ASN A 105 7.96 5.24 -1.62
C ASN A 105 6.66 5.81 -2.17
N TYR A 106 6.17 6.88 -1.54
CA TYR A 106 5.00 7.58 -2.05
C TYR A 106 5.36 8.98 -2.47
N LYS A 107 4.98 9.37 -3.68
CA LYS A 107 5.17 10.73 -4.13
C LYS A 107 3.84 11.43 -4.33
N PRO A 108 3.67 12.57 -3.67
CA PRO A 108 2.39 13.27 -3.65
C PRO A 108 2.02 13.84 -5.02
N PRO A 109 0.73 13.90 -5.34
CA PRO A 109 0.30 14.49 -6.60
C PRO A 109 0.58 15.98 -6.66
N ALA A 110 0.90 16.48 -7.85
CA ALA A 110 0.80 17.91 -8.13
C ALA A 110 -0.64 18.38 -8.20
N ASP A 111 -0.86 19.66 -7.93
CA ASP A 111 -2.00 20.09 -7.13
C ASP A 111 -3.32 19.73 -7.81
N SER A 112 -3.44 20.05 -9.09
CA SER A 112 -4.72 19.94 -9.76
C SER A 112 -5.75 20.87 -9.12
N GLY A 113 -7.02 20.51 -9.22
CA GLY A 113 -8.01 20.88 -8.23
C GLY A 113 -7.71 20.29 -6.87
N GLY A 114 -7.32 19.03 -6.85
CA GLY A 114 -8.28 17.94 -6.95
C GLY A 114 -9.23 17.89 -5.78
N LYS A 115 -8.71 18.09 -4.58
CA LYS A 115 -8.87 17.12 -3.50
C LYS A 115 -7.86 15.98 -3.59
N GLU A 116 -6.93 16.09 -4.52
CA GLU A 116 -5.67 15.36 -4.44
C GLU A 116 -4.91 15.79 -3.20
N ILE A 117 -5.01 17.07 -2.89
CA ILE A 117 -4.08 17.75 -2.00
C ILE A 117 -4.17 17.12 -0.63
N PHE A 118 -5.36 16.63 -0.32
CA PHE A 118 -5.71 16.11 1.00
C PHE A 118 -4.99 14.82 1.40
N SER A 119 -4.47 14.09 0.43
CA SER A 119 -4.44 12.64 0.47
C SER A 119 -3.63 12.16 1.66
N LEU A 120 -2.56 12.91 1.95
CA LEU A 120 -1.71 12.64 3.11
C LEU A 120 -2.44 12.84 4.43
N LEU A 121 -3.49 13.65 4.42
CA LEU A 121 -3.97 14.30 5.62
C LEU A 121 -4.43 13.28 6.63
N PRO A 122 -5.08 12.22 6.18
CA PRO A 122 -5.54 11.17 7.10
C PRO A 122 -4.36 10.52 7.80
N HIS A 123 -3.29 10.25 7.07
CA HIS A 123 -2.09 9.71 7.67
C HIS A 123 -1.47 10.67 8.67
N MET A 124 -1.44 11.95 8.31
CA MET A 124 -0.81 12.96 9.14
C MET A 124 -1.50 13.07 10.49
N ALA A 125 -2.83 12.98 10.47
CA ALA A 125 -3.62 13.09 11.68
C ALA A 125 -3.29 11.96 12.64
N ASP A 126 -3.11 10.77 12.09
CA ASP A 126 -2.75 9.61 12.90
C ASP A 126 -1.39 9.79 13.54
N MET A 127 -0.43 10.31 12.79
CA MET A 127 0.88 10.57 13.34
C MET A 127 0.82 11.63 14.43
N SER A 128 0.07 12.69 14.19
CA SER A 128 -0.08 13.75 15.17
C SER A 128 -0.75 13.21 16.42
N THR A 129 -1.76 12.37 16.22
CA THR A 129 -2.47 11.79 17.34
C THR A 129 -1.56 10.91 18.18
N TYR A 130 -0.74 10.11 17.51
CA TYR A 130 0.24 9.29 18.21
C TYR A 130 1.25 10.16 18.95
N MET A 131 1.71 11.22 18.31
CA MET A 131 2.65 12.12 18.95
C MET A 131 2.00 12.78 20.16
N PHE A 132 0.75 13.17 20.01
CA PHE A 132 0.05 13.90 21.06
C PHE A 132 -0.08 13.07 22.32
N LYS A 133 -0.32 11.77 22.15
CA LYS A 133 -0.47 10.87 23.28
C LYS A 133 0.82 10.84 24.07
N GLY A 134 1.94 10.84 23.37
CA GLY A 134 3.24 10.94 24.00
C GLY A 134 3.43 12.26 24.71
N ILE A 135 2.99 13.33 24.10
CA ILE A 135 3.13 14.65 24.70
C ILE A 135 2.36 14.73 26.00
N ILE A 136 1.15 14.19 26.00
CA ILE A 136 0.31 14.21 27.18
C ILE A 136 0.92 13.45 28.34
N SER A 137 1.52 12.30 28.04
CA SER A 137 2.16 11.51 29.07
C SER A 137 3.32 12.30 29.66
N PHE A 138 4.06 12.98 28.80
CA PHE A 138 5.28 13.64 29.21
C PHE A 138 4.93 14.70 30.24
N ALA A 139 3.85 15.41 29.99
CA ALA A 139 3.33 16.37 30.96
C ALA A 139 2.91 15.67 32.24
N LYS A 140 2.27 14.53 32.08
CA LYS A 140 1.69 13.82 33.22
C LYS A 140 2.76 13.39 34.21
N VAL A 141 3.91 12.99 33.68
CA VAL A 141 4.98 12.46 34.50
C VAL A 141 5.47 13.52 35.48
N ILE A 142 5.57 14.76 35.02
CA ILE A 142 6.22 15.79 35.80
C ILE A 142 5.43 16.11 37.07
N SER A 143 6.12 16.17 38.19
CA SER A 143 5.47 16.38 39.47
C SER A 143 4.79 17.73 39.47
N TYR A 144 5.48 18.74 38.96
CA TYR A 144 4.99 20.09 39.02
C TYR A 144 3.69 20.22 38.25
N PHE A 145 3.63 19.59 37.09
CA PHE A 145 2.42 19.61 36.26
C PHE A 145 1.23 18.93 36.95
N ARG A 146 1.48 17.80 37.58
CA ARG A 146 0.43 17.06 38.26
C ARG A 146 -0.15 17.89 39.39
N ASP A 147 0.71 18.65 40.05
CA ASP A 147 0.34 19.49 41.17
C ASP A 147 -0.67 20.54 40.75
N LEU A 148 -0.55 20.98 39.51
CA LEU A 148 -1.31 22.13 39.03
C LEU A 148 -2.79 21.81 39.03
N PRO A 149 -3.61 22.83 39.24
CA PRO A 149 -5.06 22.61 39.22
C PRO A 149 -5.52 22.14 37.85
N ILE A 150 -6.49 21.25 37.83
CA ILE A 150 -6.74 20.38 36.68
C ILE A 150 -7.09 21.21 35.47
N GLU A 151 -7.84 22.28 35.70
CA GLU A 151 -8.25 23.19 34.64
C GLU A 151 -7.02 23.80 34.00
N ASP A 152 -6.05 24.14 34.84
CA ASP A 152 -4.79 24.69 34.38
C ASP A 152 -4.04 23.69 33.53
N GLN A 153 -4.11 22.42 33.90
CA GLN A 153 -3.44 21.39 33.12
C GLN A 153 -4.03 21.37 31.72
N ILE A 154 -5.35 21.45 31.65
CA ILE A 154 -6.03 21.35 30.38
C ILE A 154 -5.64 22.51 29.48
N SER A 155 -5.61 23.71 30.04
CA SER A 155 -5.27 24.88 29.26
C SER A 155 -3.84 24.79 28.74
N LEU A 156 -2.92 24.40 29.61
CA LEU A 156 -1.52 24.31 29.24
C LEU A 156 -1.27 23.27 28.16
N LEU A 157 -1.88 22.11 28.32
CA LEU A 157 -1.70 21.02 27.37
C LEU A 157 -2.24 21.39 25.99
N LYS A 158 -3.40 22.02 25.97
CA LYS A 158 -3.98 22.47 24.71
C LYS A 158 -3.12 23.52 24.02
N GLY A 159 -2.64 24.49 24.78
CA GLY A 159 -1.67 25.43 24.25
C GLY A 159 -0.37 24.78 23.84
N ALA A 160 0.15 23.93 24.71
CA ALA A 160 1.50 23.38 24.54
C ALA A 160 1.62 22.52 23.29
N ALA A 161 0.58 21.75 23.01
CA ALA A 161 0.76 20.40 22.51
C ALA A 161 1.45 20.39 21.16
N PHE A 162 1.06 21.30 20.28
CA PHE A 162 1.67 21.38 18.97
C PHE A 162 3.14 21.74 19.06
N GLU A 163 3.46 22.70 19.92
CA GLU A 163 4.83 23.16 20.03
C GLU A 163 5.74 22.05 20.53
N LEU A 164 5.29 21.32 21.54
CA LEU A 164 6.06 20.22 22.08
C LEU A 164 6.25 19.14 21.01
N CYS A 165 5.19 18.89 20.27
CA CYS A 165 5.23 17.88 19.24
C CYS A 165 6.24 18.26 18.19
N GLN A 166 6.28 19.54 17.85
CA GLN A 166 7.25 20.04 16.89
C GLN A 166 8.66 19.88 17.39
N LEU A 167 8.86 20.14 18.68
CA LEU A 167 10.19 20.04 19.28
C LEU A 167 10.72 18.61 19.24
N ARG A 168 9.84 17.65 19.51
CA ARG A 168 10.20 16.25 19.45
C ARG A 168 10.57 15.84 18.02
N PHE A 169 9.86 16.40 17.05
CA PHE A 169 10.11 16.11 15.65
C PHE A 169 11.50 16.56 15.25
N ASN A 170 11.94 17.67 15.83
CA ASN A 170 13.18 18.30 15.43
C ASN A 170 14.34 17.34 15.66
N THR A 171 14.25 16.57 16.73
CA THR A 171 15.30 15.65 17.11
C THR A 171 15.52 14.59 16.04
N VAL A 172 14.42 14.13 15.46
CA VAL A 172 14.45 13.29 14.27
C VAL A 172 15.03 14.00 13.05
N PHE A 173 14.80 15.30 12.94
CA PHE A 173 14.96 16.00 11.67
C PHE A 173 16.41 15.97 11.20
N ASN A 174 16.62 15.75 9.91
CA ASN A 174 17.95 15.88 9.32
C ASN A 174 18.03 17.05 8.35
N ALA A 175 18.83 18.05 8.68
CA ALA A 175 18.98 19.20 7.82
C ALA A 175 19.58 18.88 6.46
N GLU A 176 20.65 18.08 6.46
CA GLU A 176 21.27 17.69 5.20
C GLU A 176 20.32 16.88 4.34
N THR A 177 19.68 15.89 4.95
CA THR A 177 18.68 15.08 4.26
C THR A 177 17.48 15.90 3.82
N GLY A 178 17.12 16.89 4.62
CA GLY A 178 15.78 17.45 4.60
C GLY A 178 14.71 16.42 4.89
N THR A 179 15.01 15.53 5.82
CA THR A 179 14.11 14.44 6.16
C THR A 179 13.84 14.40 7.65
N TRP A 180 12.65 13.98 8.03
CA TRP A 180 12.41 13.52 9.38
C TRP A 180 12.37 12.01 9.38
N GLU A 181 13.22 11.40 10.20
CA GLU A 181 13.32 9.95 10.22
C GLU A 181 12.62 9.42 11.45
N CYS A 182 11.60 8.60 11.23
CA CYS A 182 10.65 8.27 12.27
C CYS A 182 10.51 6.75 12.34
N GLY A 183 11.53 6.11 12.87
CA GLY A 183 11.63 4.67 12.79
C GLY A 183 11.64 4.20 11.35
N ARG A 184 10.76 3.26 11.04
CA ARG A 184 10.59 2.80 9.67
C ARG A 184 10.10 3.92 8.76
N LEU A 185 9.16 4.73 9.24
CA LEU A 185 8.67 5.88 8.50
C LEU A 185 9.72 6.97 8.34
N SER A 186 9.83 7.52 7.14
CA SER A 186 10.52 8.77 6.94
C SER A 186 9.70 9.73 6.08
N TYR A 187 9.78 11.02 6.38
CA TYR A 187 9.17 12.04 5.54
C TYR A 187 10.22 12.98 4.96
N CYS A 188 10.21 13.14 3.64
CA CYS A 188 11.22 13.94 2.97
C CYS A 188 10.62 15.11 2.20
N LEU A 189 11.17 16.30 2.39
CA LEU A 189 10.66 17.49 1.74
C LEU A 189 10.85 17.40 0.23
N GLU A 190 9.83 17.80 -0.51
CA GLU A 190 9.96 18.10 -1.93
C GLU A 190 10.80 19.36 -2.16
N ASP A 191 11.50 19.40 -3.29
CA ASP A 191 12.17 20.62 -3.71
C ASP A 191 11.32 21.36 -4.74
N THR A 192 10.77 22.49 -4.33
CA THR A 192 10.05 23.36 -5.27
C THR A 192 10.97 23.91 -6.35
N ALA A 193 12.15 24.37 -5.94
CA ALA A 193 13.17 24.83 -6.87
C ALA A 193 12.67 25.97 -7.74
N GLY A 194 11.83 26.83 -7.17
CA GLY A 194 11.77 27.01 -5.74
C GLY A 194 13.11 27.42 -5.17
N GLY A 195 13.54 26.72 -4.12
CA GLY A 195 14.83 26.96 -3.53
C GLY A 195 14.79 26.64 -2.05
N PHE A 196 15.91 26.83 -1.38
CA PHE A 196 15.91 27.14 0.05
C PHE A 196 15.20 28.47 0.30
N GLN A 197 15.43 29.42 -0.59
CA GLN A 197 14.87 30.75 -0.43
C GLN A 197 13.35 30.71 -0.45
N GLN A 198 12.78 29.93 -1.37
CA GLN A 198 11.38 29.58 -1.28
C GLN A 198 11.09 28.76 -0.04
N LEU A 199 11.93 27.78 0.24
CA LEU A 199 11.62 26.82 1.29
C LEU A 199 11.53 27.53 2.62
N LEU A 200 12.43 28.46 2.84
CA LEU A 200 12.55 29.15 4.12
C LEU A 200 11.40 30.13 4.34
N LEU A 201 10.64 30.35 3.29
CA LEU A 201 9.50 31.26 3.34
C LEU A 201 8.45 30.79 4.34
N GLU A 202 8.20 29.49 4.37
CA GLU A 202 7.30 28.92 5.36
C GLU A 202 7.95 28.90 6.72
N PRO A 203 7.26 29.41 7.73
CA PRO A 203 7.87 29.58 9.05
C PRO A 203 8.28 28.24 9.65
N MET A 204 7.43 27.24 9.52
CA MET A 204 7.69 25.96 10.17
C MET A 204 8.96 25.32 9.63
N LEU A 205 9.13 25.33 8.32
CA LEU A 205 10.32 24.76 7.71
C LEU A 205 11.57 25.51 8.14
N LYS A 206 11.47 26.83 8.19
CA LYS A 206 12.61 27.65 8.60
C LYS A 206 12.98 27.32 10.03
N PHE A 207 11.97 27.14 10.86
CA PHE A 207 12.18 26.91 12.28
C PHE A 207 12.94 25.62 12.53
N HIS A 208 12.57 24.57 11.81
CA HIS A 208 13.24 23.30 11.98
C HIS A 208 14.70 23.40 11.58
N TYR A 209 14.96 24.03 10.45
CA TYR A 209 16.34 24.19 10.00
C TYR A 209 17.13 25.05 10.97
N MET A 210 16.55 26.15 11.40
CA MET A 210 17.21 27.03 12.34
C MET A 210 17.45 26.37 13.70
N LEU A 211 16.44 25.67 14.20
CA LEU A 211 16.58 24.95 15.46
C LEU A 211 17.62 23.84 15.37
N LYS A 212 17.66 23.16 14.24
CA LYS A 212 18.62 22.09 14.02
C LYS A 212 20.04 22.61 14.08
N LYS A 213 20.23 23.85 13.64
CA LYS A 213 21.55 24.44 13.53
C LYS A 213 22.19 24.51 14.91
N LEU A 214 21.37 24.74 15.91
CA LEU A 214 21.82 25.01 17.26
C LEU A 214 22.56 23.80 17.82
N GLN A 215 22.25 22.62 17.33
CA GLN A 215 22.90 21.40 17.81
C GLN A 215 22.74 21.19 19.31
N LEU A 216 21.52 21.32 19.78
CA LEU A 216 21.22 21.27 21.20
C LEU A 216 21.48 19.88 21.79
N HIS A 217 21.85 19.87 23.06
CA HIS A 217 21.84 18.66 23.86
C HIS A 217 20.43 18.25 24.22
N GLU A 218 20.27 17.00 24.62
CA GLU A 218 18.96 16.46 24.95
C GLU A 218 18.36 17.23 26.10
N GLU A 219 19.21 17.64 27.03
CA GLU A 219 18.77 18.43 28.17
C GLU A 219 18.21 19.74 27.70
N GLU A 220 18.86 20.34 26.72
CA GLU A 220 18.40 21.60 26.16
C GLU A 220 17.04 21.45 25.48
N TYR A 221 16.86 20.39 24.71
CA TYR A 221 15.58 20.15 24.07
C TYR A 221 14.50 19.95 25.12
N VAL A 222 14.79 19.14 26.11
CA VAL A 222 13.80 18.78 27.13
C VAL A 222 13.37 20.00 27.94
N LEU A 223 14.32 20.87 28.24
CA LEU A 223 14.04 22.09 28.95
C LEU A 223 13.11 22.99 28.16
N MET A 224 13.32 23.03 26.85
CA MET A 224 12.52 23.87 25.99
C MET A 224 11.06 23.43 26.06
N GLN A 225 10.85 22.13 26.08
CA GLN A 225 9.52 21.58 26.20
C GLN A 225 8.91 22.02 27.52
N ALA A 226 9.71 21.99 28.56
CA ALA A 226 9.23 22.40 29.87
C ALA A 226 8.86 23.88 29.87
N ILE A 227 9.73 24.70 29.30
CA ILE A 227 9.45 26.13 29.22
C ILE A 227 8.22 26.40 28.37
N SER A 228 8.13 25.71 27.24
CA SER A 228 6.93 25.79 26.43
C SER A 228 5.71 25.22 27.14
N LEU A 229 5.89 24.10 27.82
CA LEU A 229 4.75 23.42 28.43
C LEU A 229 4.11 24.28 29.50
N PHE A 230 4.94 24.92 30.33
CA PHE A 230 4.43 25.94 31.22
C PHE A 230 4.61 27.30 30.57
N SER A 231 3.53 27.81 29.98
CA SER A 231 3.42 29.22 29.69
C SER A 231 2.30 29.82 30.50
N PRO A 232 2.58 30.91 31.18
CA PRO A 232 1.56 31.67 31.88
C PRO A 232 0.50 32.20 30.92
N ASP A 233 0.91 32.52 29.70
CA ASP A 233 0.08 33.33 28.81
C ASP A 233 -1.22 32.61 28.56
N ARG A 234 -1.13 31.29 28.44
CA ARG A 234 -1.95 30.55 27.50
C ARG A 234 -3.42 30.65 27.90
N PRO A 235 -4.30 30.58 26.92
CA PRO A 235 -5.70 30.94 27.15
C PRO A 235 -6.35 29.98 28.15
N GLY A 236 -7.21 30.51 29.01
CA GLY A 236 -7.87 29.71 30.02
C GLY A 236 -7.13 29.38 31.30
N VAL A 237 -6.04 30.09 31.59
CA VAL A 237 -5.24 29.76 32.76
C VAL A 237 -5.55 30.70 33.90
N LEU A 238 -6.17 30.17 34.96
CA LEU A 238 -6.29 30.90 36.22
C LEU A 238 -4.95 31.19 36.89
N GLN A 239 -4.13 30.17 37.06
CA GLN A 239 -3.03 30.26 38.01
C GLN A 239 -1.77 30.86 37.39
N HIS A 240 -1.85 32.12 36.99
CA HIS A 240 -0.75 32.71 36.25
C HIS A 240 0.51 32.75 37.10
N ARG A 241 0.35 33.12 38.37
CA ARG A 241 1.49 33.39 39.21
C ARG A 241 2.33 32.13 39.41
N VAL A 242 1.66 31.03 39.70
CA VAL A 242 2.38 29.78 39.93
C VAL A 242 3.11 29.32 38.68
N VAL A 243 2.44 29.39 37.54
CA VAL A 243 3.04 28.95 36.29
C VAL A 243 4.24 29.81 35.92
N ASP A 244 4.13 31.11 36.13
CA ASP A 244 5.19 32.02 35.71
C ASP A 244 6.45 31.69 36.47
N GLN A 245 6.31 31.39 37.75
CA GLN A 245 7.46 31.04 38.56
C GLN A 245 8.10 29.77 38.03
N LEU A 246 7.28 28.78 37.71
CA LEU A 246 7.79 27.52 37.19
C LEU A 246 8.50 27.75 35.87
N GLN A 247 7.87 28.52 35.00
CA GLN A 247 8.46 28.78 33.70
C GLN A 247 9.77 29.51 33.87
N GLU A 248 9.79 30.48 34.78
CA GLU A 248 11.01 31.22 35.06
C GLU A 248 12.07 30.28 35.62
N GLN A 249 11.65 29.41 36.53
CA GLN A 249 12.58 28.52 37.21
C GLN A 249 13.26 27.59 36.22
N PHE A 250 12.48 27.05 35.29
CA PHE A 250 13.03 26.24 34.22
C PHE A 250 13.96 27.06 33.34
N ALA A 251 13.58 28.30 33.06
CA ALA A 251 14.34 29.15 32.17
C ALA A 251 15.73 29.43 32.75
N ILE A 252 15.77 29.65 34.06
CA ILE A 252 17.04 29.85 34.75
C ILE A 252 17.87 28.59 34.63
N THR A 253 17.22 27.44 34.79
CA THR A 253 17.90 26.17 34.73
C THR A 253 18.52 25.99 33.37
N LEU A 254 17.78 26.35 32.33
CA LEU A 254 18.30 26.32 30.99
C LEU A 254 19.46 27.30 30.87
N LYS A 255 19.31 28.49 31.43
CA LYS A 255 20.39 29.45 31.40
C LYS A 255 21.60 28.94 32.15
N SER A 256 21.38 28.36 33.33
CA SER A 256 22.48 27.87 34.13
C SER A 256 23.21 26.75 33.40
N TYR A 257 22.46 25.86 32.79
CA TYR A 257 23.03 24.63 32.26
C TYR A 257 24.04 24.98 31.18
N ILE A 258 23.66 25.92 30.33
CA ILE A 258 24.49 26.30 29.20
C ILE A 258 25.81 26.86 29.66
N GLU A 259 25.76 27.74 30.66
CA GLU A 259 26.99 28.34 31.17
C GLU A 259 27.93 27.31 31.77
N CYS A 260 27.40 26.44 32.62
CA CYS A 260 28.21 25.35 33.15
C CYS A 260 28.68 24.38 32.08
N ASN A 261 27.75 23.91 31.26
CA ASN A 261 28.02 22.75 30.42
C ASN A 261 28.50 23.09 29.02
N ARG A 262 28.47 24.37 28.67
CA ARG A 262 28.81 24.78 27.31
C ARG A 262 29.93 25.80 27.31
N PRO A 263 30.94 25.59 26.47
CA PRO A 263 32.29 26.02 26.81
C PRO A 263 32.51 27.42 26.31
N GLN A 264 32.51 28.38 27.23
CA GLN A 264 31.50 29.41 27.26
C GLN A 264 31.55 30.25 25.99
N PRO A 265 32.76 30.54 25.53
CA PRO A 265 33.01 31.84 24.90
C PRO A 265 32.12 31.97 23.68
N ALA A 266 31.97 30.90 22.93
CA ALA A 266 31.10 30.88 21.77
C ALA A 266 29.66 31.14 22.22
N HIS A 267 29.30 30.58 23.37
CA HIS A 267 27.95 30.09 23.59
C HIS A 267 27.12 31.10 24.37
N ARG A 268 27.65 32.29 24.53
CA ARG A 268 27.12 33.29 25.45
C ARG A 268 25.72 33.66 25.00
N PHE A 269 25.57 33.74 23.69
CA PHE A 269 24.30 34.03 23.03
C PHE A 269 23.21 32.98 23.26
N LEU A 270 23.62 31.73 23.44
CA LEU A 270 22.85 30.60 22.95
C LEU A 270 21.48 30.59 23.62
N PHE A 271 21.47 30.94 24.90
CA PHE A 271 20.24 30.93 25.66
C PHE A 271 19.25 31.92 25.07
N LEU A 272 19.75 33.06 24.64
CA LEU A 272 18.91 34.08 24.02
C LEU A 272 18.28 33.58 22.73
N LYS A 273 19.07 32.88 21.92
CA LYS A 273 18.55 32.35 20.67
C LYS A 273 17.45 31.33 20.91
N ILE A 274 17.66 30.45 21.89
CA ILE A 274 16.70 29.39 22.19
C ILE A 274 15.39 30.01 22.63
N MET A 275 15.48 31.05 23.44
CA MET A 275 14.31 31.78 23.89
C MET A 275 13.62 32.42 22.71
N ALA A 276 14.42 32.91 21.77
CA ALA A 276 13.88 33.50 20.55
C ALA A 276 13.13 32.45 19.75
N MET A 277 13.69 31.25 19.68
CA MET A 277 13.07 30.17 18.93
C MET A 277 11.72 29.82 19.54
N LEU A 278 11.66 29.81 20.86
CA LEU A 278 10.43 29.49 21.56
C LEU A 278 9.35 30.52 21.25
N THR A 279 9.74 31.79 21.22
CA THR A 279 8.81 32.85 20.89
C THR A 279 8.31 32.69 19.48
N GLU A 280 9.21 32.30 18.58
CA GLU A 280 8.85 32.06 17.20
C GLU A 280 7.84 30.92 17.15
N LEU A 281 8.06 29.92 17.99
CA LEU A 281 7.23 28.73 17.97
C LEU A 281 5.80 29.09 18.33
N ARG A 282 5.64 29.96 19.32
CA ARG A 282 4.31 30.31 19.78
C ARG A 282 3.53 30.98 18.66
N SER A 283 4.21 31.83 17.91
CA SER A 283 3.61 32.46 16.74
C SER A 283 3.27 31.43 15.68
N ILE A 284 4.18 30.51 15.44
CA ILE A 284 3.96 29.45 14.46
C ILE A 284 2.78 28.59 14.88
N ASN A 285 2.66 28.37 16.18
CA ASN A 285 1.57 27.56 16.70
C ASN A 285 0.25 28.20 16.36
N ALA A 286 0.20 29.53 16.48
CA ALA A 286 -1.01 30.27 16.13
C ALA A 286 -1.31 30.11 14.64
N GLN A 287 -0.29 30.19 13.81
CA GLN A 287 -0.49 30.09 12.38
C GLN A 287 -1.03 28.71 12.03
N HIS A 288 -0.48 27.69 12.67
CA HIS A 288 -0.90 26.32 12.39
C HIS A 288 -2.36 26.16 12.76
N THR A 289 -2.75 26.75 13.88
CA THR A 289 -4.10 26.58 14.40
C THR A 289 -5.10 27.15 13.40
N GLN A 290 -4.79 28.30 12.83
CA GLN A 290 -5.64 28.90 11.82
C GLN A 290 -5.73 27.99 10.62
N ARG A 291 -4.60 27.44 10.23
CA ARG A 291 -4.54 26.62 9.02
C ARG A 291 -5.42 25.39 9.17
N LEU A 292 -5.38 24.77 10.33
CA LEU A 292 -6.14 23.55 10.56
C LEU A 292 -7.62 23.86 10.44
N LEU A 293 -8.03 24.97 11.03
CA LEU A 293 -9.42 25.34 11.04
C LEU A 293 -9.91 25.59 9.62
N ARG A 294 -9.10 26.26 8.83
CA ARG A 294 -9.45 26.48 7.43
C ARG A 294 -9.54 25.16 6.68
N ILE A 295 -8.55 24.28 6.88
CA ILE A 295 -8.56 23.01 6.20
C ILE A 295 -9.75 22.17 6.62
N GLN A 296 -10.05 22.16 7.91
CA GLN A 296 -11.13 21.32 8.40
C GLN A 296 -12.42 21.79 7.77
N ASP A 297 -12.62 23.10 7.74
CA ASP A 297 -13.94 23.64 7.49
C ASP A 297 -14.45 23.31 6.09
N ILE A 298 -13.63 23.55 5.07
CA ILE A 298 -13.79 22.87 3.79
C ILE A 298 -13.58 21.36 3.85
N HIS A 299 -12.54 20.95 4.56
CA HIS A 299 -12.24 19.53 4.76
C HIS A 299 -12.12 19.24 6.25
N PRO A 300 -12.65 18.12 6.68
CA PRO A 300 -12.34 17.60 8.02
C PRO A 300 -11.49 16.35 7.96
N PHE A 301 -10.31 16.39 8.57
CA PHE A 301 -9.53 15.20 8.83
C PHE A 301 -9.48 14.78 10.30
N ALA A 302 -9.79 15.72 11.19
CA ALA A 302 -9.21 15.72 12.52
C ALA A 302 -9.71 14.54 13.34
N THR A 303 -8.80 13.91 14.08
CA THR A 303 -9.16 12.88 15.04
C THR A 303 -9.81 13.45 16.29
N PRO A 304 -10.49 12.59 17.04
CA PRO A 304 -11.27 13.06 18.19
C PRO A 304 -10.36 13.71 19.21
N LEU A 305 -9.17 13.16 19.39
CA LEU A 305 -8.18 13.74 20.29
C LEU A 305 -7.74 15.12 19.83
N MET A 306 -7.55 15.28 18.53
CA MET A 306 -7.18 16.58 18.00
C MET A 306 -8.28 17.62 18.22
N GLN A 307 -9.52 17.23 18.00
CA GLN A 307 -10.65 18.11 18.27
C GLN A 307 -10.70 18.43 19.76
N GLU A 308 -10.52 17.42 20.58
CA GLU A 308 -10.49 17.59 22.02
C GLU A 308 -9.36 18.53 22.41
N LEU A 309 -8.21 18.35 21.79
CA LEU A 309 -7.05 19.20 22.07
C LEU A 309 -7.21 20.60 21.50
N PHE A 310 -8.02 20.72 20.46
CA PHE A 310 -8.29 22.03 19.87
C PHE A 310 -9.79 22.24 19.67
N LEU B 24 0.54 -10.55 -51.38
CA LEU B 24 0.09 -11.59 -50.47
C LEU B 24 -1.27 -12.13 -50.88
N THR B 25 -1.48 -13.40 -50.64
CA THR B 25 -2.66 -14.08 -51.12
C THR B 25 -3.84 -13.48 -50.41
N GLU B 26 -5.00 -13.55 -51.03
CA GLU B 26 -6.19 -12.98 -50.44
C GLU B 26 -6.39 -13.73 -49.14
N GLU B 27 -6.06 -15.01 -49.15
CA GLU B 27 -6.09 -15.83 -47.96
C GLU B 27 -5.10 -15.34 -46.91
N GLN B 28 -3.89 -14.99 -47.35
CA GLN B 28 -2.90 -14.48 -46.42
C GLN B 28 -3.35 -13.17 -45.79
N ARG B 29 -3.87 -12.26 -46.62
CA ARG B 29 -4.28 -10.96 -46.13
C ARG B 29 -5.39 -11.15 -45.12
N MET B 30 -6.29 -12.06 -45.43
CA MET B 30 -7.41 -12.39 -44.57
C MET B 30 -6.94 -12.96 -43.25
N MET B 31 -5.92 -13.81 -43.31
CA MET B 31 -5.41 -14.45 -42.11
C MET B 31 -4.85 -13.42 -41.15
N ILE B 32 -4.09 -12.49 -41.68
CA ILE B 32 -3.52 -11.41 -40.89
C ILE B 32 -4.59 -10.51 -40.29
N ARG B 33 -5.63 -10.26 -41.06
CA ARG B 33 -6.73 -9.42 -40.60
C ARG B 33 -7.41 -10.06 -39.40
N GLU B 34 -7.63 -11.38 -39.48
CA GLU B 34 -8.25 -12.09 -38.38
C GLU B 34 -7.39 -12.03 -37.13
N LEU B 35 -6.08 -12.19 -37.31
CA LEU B 35 -5.15 -12.16 -36.19
C LEU B 35 -5.16 -10.81 -35.52
N MET B 36 -5.17 -9.75 -36.33
CA MET B 36 -5.16 -8.39 -35.82
C MET B 36 -6.41 -8.08 -35.02
N ASP B 37 -7.55 -8.56 -35.50
CA ASP B 37 -8.80 -8.36 -34.81
C ASP B 37 -8.79 -9.04 -33.46
N ALA B 38 -8.28 -10.26 -33.42
CA ALA B 38 -8.25 -11.03 -32.20
C ALA B 38 -7.37 -10.36 -31.15
N GLN B 39 -6.23 -9.85 -31.58
CA GLN B 39 -5.34 -9.19 -30.66
C GLN B 39 -6.01 -7.97 -30.07
N MET B 40 -6.66 -7.20 -30.92
CA MET B 40 -7.30 -5.97 -30.47
C MET B 40 -8.44 -6.21 -29.50
N LYS B 41 -9.31 -7.16 -29.79
CA LYS B 41 -10.26 -7.65 -28.80
C LYS B 41 -9.58 -8.33 -27.63
N THR B 42 -8.62 -9.18 -27.94
CA THR B 42 -7.98 -10.06 -26.97
C THR B 42 -7.19 -9.31 -25.90
N PHE B 43 -6.50 -8.25 -26.31
CA PHE B 43 -5.37 -7.77 -25.52
C PHE B 43 -5.62 -6.36 -25.02
N ASP B 44 -5.53 -6.16 -23.72
CA ASP B 44 -5.67 -4.82 -23.17
C ASP B 44 -4.28 -4.23 -22.94
N THR B 45 -3.84 -3.39 -23.86
CA THR B 45 -2.54 -2.73 -23.74
C THR B 45 -2.50 -1.82 -22.52
N THR B 46 -3.62 -1.18 -22.23
CA THR B 46 -3.76 -0.27 -21.10
C THR B 46 -3.58 -0.97 -19.76
N PHE B 47 -4.05 -2.21 -19.66
CA PHE B 47 -4.24 -2.85 -18.38
C PHE B 47 -5.21 -2.07 -17.52
N SER B 48 -6.19 -1.45 -18.17
CA SER B 48 -7.22 -0.71 -17.45
C SER B 48 -8.02 -1.65 -16.57
N HIS B 49 -8.27 -2.85 -17.07
CA HIS B 49 -9.21 -3.77 -16.46
C HIS B 49 -8.52 -4.72 -15.50
N PHE B 50 -7.23 -4.49 -15.27
CA PHE B 50 -6.48 -5.30 -14.34
C PHE B 50 -6.57 -4.68 -12.96
N LYS B 51 -7.22 -5.37 -12.05
CA LYS B 51 -7.66 -4.79 -10.79
C LYS B 51 -7.57 -5.82 -9.68
N ASN B 52 -7.50 -5.36 -8.44
CA ASN B 52 -7.77 -6.22 -7.30
C ASN B 52 -6.63 -7.20 -7.05
N PHE B 53 -5.49 -6.91 -7.67
CA PHE B 53 -4.29 -7.70 -7.45
C PHE B 53 -3.72 -7.51 -6.05
N ARG B 54 -3.09 -8.55 -5.54
CA ARG B 54 -2.31 -8.47 -4.32
C ARG B 54 -1.03 -7.66 -4.51
N LEU B 55 -0.56 -7.05 -3.43
CA LEU B 55 0.67 -6.28 -3.47
C LEU B 55 1.61 -6.68 -2.33
N PRO B 56 2.92 -6.60 -2.57
CA PRO B 56 3.87 -6.85 -1.49
C PRO B 56 3.65 -5.88 -0.35
N GLY B 57 3.91 -6.33 0.88
CA GLY B 57 3.88 -5.44 2.03
C GLY B 57 2.46 -5.02 2.37
N VAL B 58 1.51 -5.61 1.66
CA VAL B 58 0.10 -5.33 1.91
C VAL B 58 -0.68 -6.60 2.23
N SER B 73 16.98 -25.96 10.90
CA SER B 73 16.90 -27.36 10.53
C SER B 73 15.86 -27.58 9.43
N ARG B 74 16.32 -27.62 8.18
CA ARG B 74 15.54 -28.19 7.09
C ARG B 74 16.27 -29.35 6.44
N GLU B 75 15.56 -30.45 6.24
CA GLU B 75 15.97 -31.47 5.28
C GLU B 75 15.99 -30.93 3.85
N GLU B 76 15.00 -30.11 3.52
CA GLU B 76 14.75 -29.70 2.14
C GLU B 76 15.94 -28.91 1.61
N ALA B 77 16.49 -28.05 2.45
CA ALA B 77 17.00 -26.76 2.01
C ALA B 77 18.18 -26.93 1.07
N ALA B 78 18.31 -26.03 0.11
CA ALA B 78 19.25 -26.22 -0.98
C ALA B 78 18.67 -27.14 -2.05
N LYS B 79 17.40 -27.49 -1.89
CA LYS B 79 16.36 -27.05 -2.81
C LYS B 79 16.25 -25.54 -2.78
N TRP B 80 16.35 -24.97 -1.59
CA TRP B 80 16.16 -23.53 -1.40
C TRP B 80 17.20 -22.75 -2.17
N SER B 81 18.42 -23.26 -2.15
CA SER B 81 19.54 -22.54 -2.75
C SER B 81 19.33 -22.39 -4.25
N GLN B 82 18.83 -23.44 -4.89
CA GLN B 82 18.38 -23.36 -6.27
C GLN B 82 17.20 -22.40 -6.46
N VAL B 83 16.25 -22.46 -5.54
CA VAL B 83 15.07 -21.62 -5.62
C VAL B 83 15.48 -20.16 -5.54
N ARG B 84 16.45 -19.88 -4.69
CA ARG B 84 16.96 -18.53 -4.53
C ARG B 84 17.57 -18.08 -5.86
N LYS B 85 18.22 -19.00 -6.55
CA LYS B 85 18.77 -18.69 -7.86
C LYS B 85 17.67 -18.33 -8.84
N ASP B 86 16.58 -19.12 -8.84
CA ASP B 86 15.50 -18.87 -9.78
C ASP B 86 14.86 -17.51 -9.55
N LEU B 87 14.62 -17.19 -8.28
CA LEU B 87 14.04 -15.92 -7.90
C LEU B 87 14.96 -14.77 -8.29
N CYS B 88 16.27 -14.99 -8.17
CA CYS B 88 17.24 -13.91 -8.24
C CYS B 88 17.20 -13.26 -9.61
N SER B 89 16.98 -14.08 -10.63
CA SER B 89 16.98 -13.61 -12.01
C SER B 89 15.87 -12.60 -12.22
N LEU B 90 14.73 -12.84 -11.58
CA LEU B 90 13.52 -12.10 -11.89
C LEU B 90 13.70 -10.62 -11.59
N LYS B 91 14.38 -10.30 -10.49
CA LYS B 91 13.85 -9.37 -9.51
C LYS B 91 13.66 -7.97 -10.08
N VAL B 92 12.54 -7.34 -9.76
CA VAL B 92 12.17 -6.05 -10.33
C VAL B 92 11.65 -5.09 -9.26
N SER B 93 11.91 -3.80 -9.43
CA SER B 93 11.11 -2.76 -8.81
C SER B 93 9.71 -2.65 -9.41
N LEU B 94 8.75 -2.24 -8.60
CA LEU B 94 7.39 -2.05 -9.05
C LEU B 94 6.90 -0.63 -8.79
N GLN B 95 6.31 -0.01 -9.79
CA GLN B 95 5.82 1.36 -9.66
C GLN B 95 4.33 1.47 -9.95
N LEU B 96 3.61 2.18 -9.10
CA LEU B 96 2.18 2.41 -9.29
C LEU B 96 1.86 3.90 -9.40
N ARG B 97 1.06 4.24 -10.40
CA ARG B 97 0.71 5.64 -10.62
C ARG B 97 -0.73 5.86 -10.27
N GLY B 98 -0.98 6.89 -9.48
CA GLY B 98 -2.32 7.27 -9.08
C GLY B 98 -3.12 7.89 -10.21
N GLU B 99 -4.44 7.87 -10.05
CA GLU B 99 -5.32 8.76 -10.78
C GLU B 99 -4.98 10.19 -10.43
N ASP B 100 -4.56 10.40 -9.19
CA ASP B 100 -4.07 11.70 -8.77
C ASP B 100 -2.85 12.09 -9.59
N GLY B 101 -2.08 11.09 -10.03
CA GLY B 101 -0.68 11.30 -10.31
C GLY B 101 0.25 11.19 -9.12
N SER B 102 -0.25 10.63 -8.03
CA SER B 102 0.59 10.02 -7.03
C SER B 102 1.33 8.83 -7.61
N VAL B 103 2.59 8.66 -7.21
CA VAL B 103 3.34 7.46 -7.51
C VAL B 103 3.71 6.72 -6.24
N TRP B 104 3.42 5.42 -6.22
CA TRP B 104 3.93 4.54 -5.17
C TRP B 104 5.03 3.67 -5.78
N ASN B 105 6.18 3.65 -5.13
CA ASN B 105 7.30 2.85 -5.60
C ASN B 105 7.67 1.77 -4.59
N TYR B 106 7.85 0.55 -5.07
CA TYR B 106 8.26 -0.54 -4.19
C TYR B 106 9.61 -1.10 -4.59
N LYS B 107 10.51 -1.23 -3.61
CA LYS B 107 11.81 -1.79 -3.87
C LYS B 107 12.00 -3.10 -3.11
N PRO B 108 12.37 -4.16 -3.83
CA PRO B 108 12.39 -5.51 -3.26
C PRO B 108 13.50 -5.70 -2.24
N PRO B 109 13.26 -6.54 -1.23
CA PRO B 109 14.30 -6.87 -0.26
C PRO B 109 15.45 -7.65 -0.87
N ALA B 110 16.66 -7.38 -0.40
CA ALA B 110 17.83 -8.22 -0.66
C ALA B 110 17.74 -9.55 0.09
N ASP B 111 18.43 -10.56 -0.43
CA ASP B 111 17.87 -11.91 -0.46
C ASP B 111 17.64 -12.44 0.95
N SER B 112 18.61 -12.26 1.82
CA SER B 112 18.42 -12.55 3.24
C SER B 112 18.29 -14.05 3.46
N GLY B 113 17.71 -14.42 4.59
CA GLY B 113 17.21 -15.77 4.77
C GLY B 113 16.12 -16.13 3.79
N GLY B 114 15.24 -15.17 3.52
CA GLY B 114 14.02 -15.46 2.79
C GLY B 114 12.93 -15.99 3.69
N LYS B 115 11.83 -16.44 3.11
CA LYS B 115 10.57 -15.69 3.15
C LYS B 115 10.61 -14.48 2.21
N GLU B 116 11.64 -13.65 2.33
CA GLU B 116 11.59 -12.31 1.78
C GLU B 116 11.41 -12.39 0.27
N ILE B 117 12.04 -13.39 -0.32
CA ILE B 117 12.24 -13.46 -1.75
C ILE B 117 10.88 -13.55 -2.43
N PHE B 118 9.95 -14.16 -1.71
CA PHE B 118 8.64 -14.52 -2.25
C PHE B 118 7.68 -13.36 -2.47
N SER B 119 8.03 -12.19 -1.96
CA SER B 119 7.03 -11.20 -1.58
C SER B 119 6.22 -10.75 -2.79
N LEU B 120 6.92 -10.63 -3.91
CA LEU B 120 6.30 -10.27 -5.20
C LEU B 120 5.31 -11.32 -5.70
N LEU B 121 5.51 -12.57 -5.32
CA LEU B 121 5.03 -13.70 -6.09
C LEU B 121 3.53 -13.69 -6.18
N PRO B 122 2.85 -13.31 -5.10
CA PRO B 122 1.40 -13.28 -5.13
C PRO B 122 0.89 -12.27 -6.15
N HIS B 123 1.51 -11.12 -6.22
CA HIS B 123 1.15 -10.13 -7.23
C HIS B 123 1.42 -10.65 -8.63
N MET B 124 2.55 -11.32 -8.81
CA MET B 124 2.95 -11.79 -10.12
C MET B 124 1.97 -12.80 -10.66
N ALA B 125 1.48 -13.67 -9.78
CA ALA B 125 0.51 -14.68 -10.17
C ALA B 125 -0.78 -14.03 -10.64
N ASP B 126 -1.18 -12.97 -9.96
CA ASP B 126 -2.37 -12.23 -10.33
C ASP B 126 -2.21 -11.61 -11.71
N MET B 127 -1.05 -11.04 -11.97
CA MET B 127 -0.77 -10.49 -13.28
C MET B 127 -0.77 -11.56 -14.36
N SER B 128 -0.14 -12.69 -14.07
CA SER B 128 -0.08 -13.76 -15.04
C SER B 128 -1.46 -14.29 -15.33
N THR B 129 -2.29 -14.37 -14.30
CA THR B 129 -3.64 -14.85 -14.45
C THR B 129 -4.45 -13.93 -15.35
N TYR B 130 -4.29 -12.63 -15.16
CA TYR B 130 -4.97 -11.65 -16.02
C TYR B 130 -4.50 -11.77 -17.45
N MET B 131 -3.21 -11.93 -17.65
CA MET B 131 -2.66 -12.08 -18.99
C MET B 131 -3.22 -13.34 -19.63
N PHE B 132 -3.29 -14.40 -18.84
CA PHE B 132 -3.69 -15.70 -19.33
C PHE B 132 -5.11 -15.69 -19.85
N LYS B 133 -5.98 -14.92 -19.20
CA LYS B 133 -7.35 -14.79 -19.65
C LYS B 133 -7.40 -14.16 -21.03
N GLY B 134 -6.57 -13.16 -21.23
CA GLY B 134 -6.44 -12.55 -22.54
C GLY B 134 -5.91 -13.51 -23.57
N ILE B 135 -4.93 -14.31 -23.18
CA ILE B 135 -4.33 -15.26 -24.10
C ILE B 135 -5.36 -16.28 -24.55
N ILE B 136 -6.16 -16.76 -23.62
CA ILE B 136 -7.19 -17.74 -23.94
C ILE B 136 -8.23 -17.19 -24.89
N SER B 137 -8.63 -15.95 -24.68
CA SER B 137 -9.61 -15.33 -25.55
C SER B 137 -9.03 -15.22 -26.95
N PHE B 138 -7.77 -14.85 -27.03
CA PHE B 138 -7.15 -14.57 -28.30
C PHE B 138 -7.17 -15.83 -29.14
N ALA B 139 -6.87 -16.96 -28.51
CA ALA B 139 -7.01 -18.24 -29.18
C ALA B 139 -8.45 -18.52 -29.55
N LYS B 140 -9.36 -18.19 -28.64
CA LYS B 140 -10.77 -18.52 -28.83
C LYS B 140 -11.32 -17.79 -30.04
N VAL B 141 -10.89 -16.55 -30.23
CA VAL B 141 -11.42 -15.71 -31.29
C VAL B 141 -11.12 -16.33 -32.64
N ILE B 142 -9.93 -16.90 -32.79
CA ILE B 142 -9.48 -17.37 -34.09
C ILE B 142 -10.33 -18.54 -34.57
N SER B 143 -10.76 -18.48 -35.82
CA SER B 143 -11.64 -19.51 -36.37
C SER B 143 -10.93 -20.84 -36.40
N TYR B 144 -9.68 -20.84 -36.81
CA TYR B 144 -8.95 -22.08 -37.02
C TYR B 144 -8.81 -22.84 -35.72
N PHE B 145 -8.54 -22.10 -34.64
CA PHE B 145 -8.42 -22.71 -33.32
C PHE B 145 -9.72 -23.34 -32.85
N ARG B 146 -10.83 -22.66 -33.08
CA ARG B 146 -12.13 -23.16 -32.66
C ARG B 146 -12.46 -24.47 -33.35
N ASP B 147 -12.05 -24.58 -34.60
CA ASP B 147 -12.31 -25.75 -35.43
C ASP B 147 -11.67 -26.99 -34.84
N LEU B 148 -10.53 -26.80 -34.20
CA LEU B 148 -9.73 -27.92 -33.73
C LEU B 148 -10.47 -28.70 -32.66
N PRO B 149 -10.17 -29.99 -32.57
CA PRO B 149 -10.78 -30.82 -31.54
C PRO B 149 -10.38 -30.36 -30.15
N ILE B 150 -11.29 -30.47 -29.19
CA ILE B 150 -11.21 -29.71 -27.95
C ILE B 150 -9.96 -30.11 -27.20
N GLU B 151 -9.62 -31.38 -27.26
CA GLU B 151 -8.45 -31.90 -26.59
C GLU B 151 -7.20 -31.25 -27.16
N ASP B 152 -7.21 -31.09 -28.47
CA ASP B 152 -6.13 -30.40 -29.16
C ASP B 152 -6.05 -28.94 -28.75
N GLN B 153 -7.21 -28.32 -28.55
CA GLN B 153 -7.23 -26.93 -28.11
C GLN B 153 -6.56 -26.86 -26.76
N ILE B 154 -6.90 -27.79 -25.88
CA ILE B 154 -6.41 -27.75 -24.53
C ILE B 154 -4.90 -27.91 -24.50
N SER B 155 -4.39 -28.85 -25.29
CA SER B 155 -2.96 -29.09 -25.31
C SER B 155 -2.20 -27.86 -25.80
N LEU B 156 -2.70 -27.27 -26.89
CA LEU B 156 -2.04 -26.12 -27.49
C LEU B 156 -2.01 -24.93 -26.55
N LEU B 157 -3.13 -24.66 -25.91
CA LEU B 157 -3.23 -23.53 -25.00
C LEU B 157 -2.29 -23.69 -23.82
N LYS B 158 -2.21 -24.91 -23.30
CA LYS B 158 -1.29 -25.19 -22.22
C LYS B 158 0.17 -25.03 -22.63
N GLY B 159 0.51 -25.53 -23.80
CA GLY B 159 1.83 -25.26 -24.35
C GLY B 159 2.06 -23.80 -24.63
N ALA B 160 1.07 -23.16 -25.27
CA ALA B 160 1.25 -21.81 -25.80
C ALA B 160 1.51 -20.79 -24.70
N ALA B 161 0.81 -20.94 -23.58
CA ALA B 161 0.27 -19.80 -22.88
C ALA B 161 1.36 -18.87 -22.37
N PHE B 162 2.41 -19.46 -21.82
CA PHE B 162 3.52 -18.65 -21.33
C PHE B 162 4.19 -17.88 -22.45
N GLU B 163 4.44 -18.56 -23.56
CA GLU B 163 5.12 -17.93 -24.68
C GLU B 163 4.33 -16.77 -25.26
N LEU B 164 3.03 -16.97 -25.43
CA LEU B 164 2.17 -15.92 -25.94
C LEU B 164 2.16 -14.75 -24.98
N CYS B 165 2.09 -15.05 -23.69
CA CYS B 165 2.05 -14.03 -22.67
C CYS B 165 3.33 -13.22 -22.71
N GLN B 166 4.45 -13.90 -22.90
CA GLN B 166 5.73 -13.23 -22.99
C GLN B 166 5.78 -12.31 -24.19
N LEU B 167 5.22 -12.77 -25.30
CA LEU B 167 5.22 -11.98 -26.52
C LEU B 167 4.45 -10.68 -26.36
N ARG B 168 3.32 -10.75 -25.67
CA ARG B 168 2.51 -9.58 -25.39
C ARG B 168 3.26 -8.60 -24.51
N PHE B 169 4.01 -9.12 -23.56
CA PHE B 169 4.78 -8.30 -22.63
C PHE B 169 5.82 -7.48 -23.37
N ASN B 170 6.37 -8.08 -24.41
CA ASN B 170 7.48 -7.47 -25.14
C ASN B 170 7.06 -6.15 -25.76
N THR B 171 5.81 -6.09 -26.19
CA THR B 171 5.27 -4.90 -26.82
C THR B 171 5.28 -3.73 -25.86
N VAL B 172 4.97 -4.02 -24.60
CA VAL B 172 5.14 -3.08 -23.50
C VAL B 172 6.59 -2.71 -23.27
N PHE B 173 7.49 -3.65 -23.51
CA PHE B 173 8.84 -3.56 -22.96
C PHE B 173 9.58 -2.36 -23.51
N ASN B 174 10.31 -1.66 -22.65
CA ASN B 174 11.24 -0.63 -23.10
C ASN B 174 12.68 -1.04 -22.84
N ALA B 175 13.45 -1.20 -23.90
CA ALA B 175 14.85 -1.55 -23.78
C ALA B 175 15.65 -0.47 -23.05
N GLU B 176 15.40 0.78 -23.41
CA GLU B 176 16.23 1.86 -22.90
C GLU B 176 16.12 1.97 -21.38
N THR B 177 14.89 1.93 -20.87
CA THR B 177 14.67 2.08 -19.44
C THR B 177 14.63 0.75 -18.71
N GLY B 178 14.74 -0.35 -19.45
CA GLY B 178 14.67 -1.66 -18.85
C GLY B 178 13.39 -1.89 -18.09
N THR B 179 12.29 -1.39 -18.65
CA THR B 179 11.01 -1.38 -17.96
C THR B 179 9.94 -2.03 -18.82
N TRP B 180 8.97 -2.68 -18.18
CA TRP B 180 7.72 -3.01 -18.84
C TRP B 180 6.65 -2.07 -18.35
N GLU B 181 6.00 -1.36 -19.27
CA GLU B 181 5.01 -0.38 -18.89
C GLU B 181 3.63 -0.96 -19.12
N CYS B 182 2.86 -1.05 -18.05
CA CYS B 182 1.63 -1.82 -18.07
C CYS B 182 0.50 -0.96 -17.51
N GLY B 183 0.10 0.03 -18.29
CA GLY B 183 -0.82 1.03 -17.79
C GLY B 183 -0.24 1.76 -16.60
N ARG B 184 -1.02 1.81 -15.52
CA ARG B 184 -0.57 2.43 -14.30
C ARG B 184 0.64 1.71 -13.69
N LEU B 185 0.60 0.38 -13.71
CA LEU B 185 1.74 -0.42 -13.28
C LEU B 185 2.92 -0.33 -14.23
N SER B 186 4.12 -0.19 -13.69
CA SER B 186 5.34 -0.50 -14.42
C SER B 186 6.24 -1.42 -13.61
N TYR B 187 6.97 -2.30 -14.29
CA TYR B 187 7.99 -3.11 -13.65
C TYR B 187 9.36 -2.81 -14.21
N CYS B 188 10.30 -2.48 -13.32
CA CYS B 188 11.62 -2.03 -13.75
C CYS B 188 12.74 -2.91 -13.20
N LEU B 189 13.66 -3.30 -14.07
CA LEU B 189 14.74 -4.20 -13.67
C LEU B 189 15.67 -3.52 -12.69
N GLU B 190 16.05 -4.26 -11.65
CA GLU B 190 17.20 -3.92 -10.83
C GLU B 190 18.51 -4.08 -11.59
N ASP B 191 19.50 -3.26 -11.25
CA ASP B 191 20.85 -3.45 -11.78
C ASP B 191 21.68 -4.20 -10.77
N THR B 192 22.02 -5.45 -11.07
CA THR B 192 22.98 -6.20 -10.28
C THR B 192 24.37 -5.57 -10.33
N ALA B 193 24.78 -5.18 -11.53
CA ALA B 193 25.97 -4.34 -11.71
C ALA B 193 27.22 -5.00 -11.14
N GLY B 194 27.30 -6.33 -11.25
CA GLY B 194 26.55 -7.04 -12.26
C GLY B 194 26.89 -6.57 -13.66
N GLY B 195 25.87 -6.27 -14.44
CA GLY B 195 26.05 -5.68 -15.75
C GLY B 195 24.94 -6.08 -16.68
N PHE B 196 25.01 -5.62 -17.92
CA PHE B 196 24.27 -6.26 -19.00
C PHE B 196 24.75 -7.69 -19.18
N GLN B 197 26.05 -7.89 -19.04
CA GLN B 197 26.63 -9.21 -19.23
C GLN B 197 26.09 -10.19 -18.20
N GLN B 198 25.99 -9.73 -16.95
CA GLN B 198 25.23 -10.48 -15.96
C GLN B 198 23.76 -10.55 -16.35
N LEU B 199 23.19 -9.42 -16.76
CA LEU B 199 21.77 -9.38 -17.03
C LEU B 199 21.44 -10.31 -18.17
N LEU B 200 22.28 -10.31 -19.19
CA LEU B 200 22.04 -11.05 -20.42
C LEU B 200 22.00 -12.55 -20.15
N LEU B 201 22.67 -12.96 -19.09
CA LEU B 201 22.91 -14.36 -18.82
C LEU B 201 21.61 -15.13 -18.61
N GLU B 202 20.65 -14.49 -17.97
CA GLU B 202 19.33 -15.09 -17.84
C GLU B 202 18.59 -15.07 -19.16
N PRO B 203 18.09 -16.22 -19.58
CA PRO B 203 17.60 -16.38 -20.94
C PRO B 203 16.41 -15.45 -21.22
N MET B 204 15.50 -15.34 -20.26
CA MET B 204 14.29 -14.58 -20.48
C MET B 204 14.60 -13.10 -20.73
N LEU B 205 15.48 -12.54 -19.93
CA LEU B 205 15.85 -11.14 -20.08
C LEU B 205 16.52 -10.88 -21.43
N LYS B 206 17.39 -11.79 -21.84
CA LYS B 206 18.10 -11.63 -23.10
C LYS B 206 17.08 -11.64 -24.23
N PHE B 207 16.08 -12.50 -24.11
CA PHE B 207 15.10 -12.69 -25.16
C PHE B 207 14.31 -11.42 -25.38
N HIS B 208 13.92 -10.76 -24.30
CA HIS B 208 13.16 -9.53 -24.39
C HIS B 208 13.97 -8.43 -25.06
N TYR B 209 15.24 -8.33 -24.69
CA TYR B 209 16.03 -7.17 -25.04
C TYR B 209 16.25 -7.01 -26.54
N MET B 210 16.51 -8.12 -27.21
CA MET B 210 16.73 -9.00 -28.37
CA MET B 210 16.73 -9.07 -28.38
C MET B 210 15.58 -9.07 -29.59
N LEU B 211 14.46 -9.53 -29.04
CA LEU B 211 13.16 -9.37 -29.69
C LEU B 211 12.78 -7.90 -29.83
N LYS B 212 13.07 -7.12 -28.79
CA LYS B 212 12.83 -5.68 -28.85
C LYS B 212 13.66 -5.03 -29.93
N LYS B 213 14.85 -5.58 -30.15
CA LYS B 213 15.80 -5.01 -31.09
C LYS B 213 15.19 -5.02 -32.48
N LEU B 214 14.41 -6.05 -32.75
CA LEU B 214 13.90 -6.32 -34.08
C LEU B 214 12.97 -5.22 -34.54
N GLN B 215 12.39 -4.49 -33.60
CA GLN B 215 11.46 -3.43 -33.96
C GLN B 215 10.29 -3.92 -34.80
N LEU B 216 9.68 -5.01 -34.35
CA LEU B 216 8.65 -5.71 -35.12
C LEU B 216 7.42 -4.85 -35.30
N HIS B 217 6.75 -5.03 -36.42
CA HIS B 217 5.40 -4.55 -36.62
C HIS B 217 4.40 -5.34 -35.80
N GLU B 218 3.23 -4.76 -35.59
CA GLU B 218 2.18 -5.40 -34.81
C GLU B 218 1.76 -6.69 -35.49
N GLU B 219 1.76 -6.66 -36.82
CA GLU B 219 1.44 -7.83 -37.61
C GLU B 219 2.45 -8.94 -37.36
N GLU B 220 3.72 -8.56 -37.27
CA GLU B 220 4.77 -9.50 -37.00
C GLU B 220 4.62 -10.15 -35.63
N TYR B 221 4.30 -9.34 -34.62
CA TYR B 221 4.10 -9.88 -33.29
C TYR B 221 2.95 -10.85 -33.28
N VAL B 222 1.83 -10.44 -33.90
CA VAL B 222 0.62 -11.24 -33.86
C VAL B 222 0.82 -12.58 -34.55
N LEU B 223 1.56 -12.55 -35.65
CA LEU B 223 1.86 -13.76 -36.40
C LEU B 223 2.69 -14.72 -35.56
N MET B 224 3.60 -14.18 -34.79
CA MET B 224 4.46 -15.00 -33.96
C MET B 224 3.62 -15.76 -32.95
N GLN B 225 2.62 -15.09 -32.42
CA GLN B 225 1.72 -15.73 -31.49
C GLN B 225 0.98 -16.85 -32.19
N ALA B 226 0.56 -16.61 -33.42
CA ALA B 226 -0.14 -17.63 -34.18
C ALA B 226 0.74 -18.82 -34.43
N ILE B 227 1.97 -18.56 -34.84
CA ILE B 227 2.91 -19.65 -35.09
C ILE B 227 3.21 -20.40 -33.80
N SER B 228 3.44 -19.67 -32.72
CA SER B 228 3.60 -20.28 -31.42
C SER B 228 2.35 -21.00 -30.95
N LEU B 229 1.19 -20.38 -31.14
CA LEU B 229 -0.04 -20.93 -30.60
C LEU B 229 -0.33 -22.28 -31.24
N PHE B 230 -0.14 -22.38 -32.54
CA PHE B 230 -0.18 -23.68 -33.19
C PHE B 230 1.21 -24.22 -33.30
N SER B 231 1.56 -25.12 -32.38
CA SER B 231 2.72 -25.97 -32.54
C SER B 231 2.27 -27.41 -32.65
N PRO B 232 2.76 -28.10 -33.67
CA PRO B 232 2.50 -29.54 -33.81
C PRO B 232 3.08 -30.31 -32.64
N ASP B 233 4.24 -29.88 -32.14
CA ASP B 233 5.03 -30.72 -31.25
C ASP B 233 4.27 -31.05 -29.98
N ARG B 234 3.47 -30.11 -29.52
CA ARG B 234 3.25 -29.91 -28.10
C ARG B 234 2.57 -31.12 -27.50
N PRO B 235 2.83 -31.37 -26.22
CA PRO B 235 2.43 -32.64 -25.61
C PRO B 235 0.92 -32.79 -25.61
N GLY B 236 0.44 -34.00 -25.83
CA GLY B 236 -0.99 -34.27 -25.84
C GLY B 236 -1.78 -33.96 -27.11
N VAL B 237 -1.10 -33.75 -28.22
CA VAL B 237 -1.79 -33.36 -29.44
C VAL B 237 -1.95 -34.57 -30.34
N LEU B 238 -3.19 -35.01 -30.55
CA LEU B 238 -3.48 -35.95 -31.62
C LEU B 238 -3.25 -35.39 -33.02
N GLN B 239 -3.81 -34.22 -33.31
CA GLN B 239 -3.99 -33.81 -34.69
C GLN B 239 -2.78 -33.08 -35.26
N HIS B 240 -1.65 -33.77 -35.33
CA HIS B 240 -0.40 -33.11 -35.71
C HIS B 240 -0.47 -32.57 -37.14
N ARG B 241 -1.03 -33.37 -38.04
CA ARG B 241 -0.97 -33.03 -39.45
C ARG B 241 -1.71 -31.73 -39.72
N VAL B 242 -2.90 -31.59 -39.16
CA VAL B 242 -3.67 -30.38 -39.34
C VAL B 242 -2.95 -29.17 -38.74
N VAL B 243 -2.44 -29.32 -37.53
CA VAL B 243 -1.74 -28.23 -36.87
C VAL B 243 -0.49 -27.83 -37.63
N ASP B 244 0.25 -28.82 -38.13
CA ASP B 244 1.52 -28.54 -38.78
C ASP B 244 1.26 -27.69 -40.01
N GLN B 245 0.20 -28.00 -40.72
CA GLN B 245 -0.15 -27.24 -41.90
C GLN B 245 -0.48 -25.80 -41.53
N LEU B 246 -1.24 -25.64 -40.45
CA LEU B 246 -1.63 -24.31 -40.01
C LEU B 246 -0.41 -23.51 -39.62
N GLN B 247 0.49 -24.13 -38.88
CA GLN B 247 1.70 -23.45 -38.46
C GLN B 247 2.50 -23.06 -39.69
N GLU B 248 2.58 -23.97 -40.65
CA GLU B 248 3.32 -23.70 -41.87
C GLU B 248 2.67 -22.55 -42.62
N GLN B 249 1.34 -22.56 -42.69
CA GLN B 249 0.62 -21.54 -43.43
C GLN B 249 0.85 -20.17 -42.83
N PHE B 250 0.80 -20.09 -41.51
CA PHE B 250 1.11 -18.85 -40.80
C PHE B 250 2.55 -18.42 -41.03
N ALA B 251 3.45 -19.40 -41.01
CA ALA B 251 4.86 -19.11 -41.17
C ALA B 251 5.15 -18.53 -42.55
N ILE B 252 4.50 -19.09 -43.57
CA ILE B 252 4.63 -18.56 -44.92
C ILE B 252 4.08 -17.14 -44.98
N THR B 253 2.96 -16.93 -44.30
CA THR B 253 2.32 -15.63 -44.31
C THR B 253 3.25 -14.62 -43.67
N LEU B 254 3.90 -15.01 -42.59
CA LEU B 254 4.90 -14.18 -41.97
C LEU B 254 6.07 -13.95 -42.91
N LYS B 255 6.49 -15.01 -43.59
CA LYS B 255 7.58 -14.87 -44.54
C LYS B 255 7.17 -13.94 -45.67
N SER B 256 5.96 -14.10 -46.16
CA SER B 256 5.48 -13.27 -47.26
C SER B 256 5.39 -11.81 -46.85
N TYR B 257 4.90 -11.57 -45.64
CA TYR B 257 4.58 -10.21 -45.23
C TYR B 257 5.85 -9.37 -45.22
N ILE B 258 6.92 -9.95 -44.71
CA ILE B 258 8.18 -9.25 -44.57
C ILE B 258 8.73 -8.83 -45.91
N GLU B 259 8.70 -9.74 -46.88
CA GLU B 259 9.19 -9.43 -48.21
C GLU B 259 8.37 -8.33 -48.86
N CYS B 260 7.05 -8.43 -48.80
CA CYS B 260 6.21 -7.38 -49.34
C CYS B 260 6.39 -6.07 -48.59
N ASN B 261 6.32 -6.13 -47.26
CA ASN B 261 6.14 -4.92 -46.47
C ASN B 261 7.43 -4.36 -45.88
N ARG B 262 8.52 -5.09 -46.04
CA ARG B 262 9.78 -4.69 -45.43
C ARG B 262 10.88 -4.56 -46.49
N PRO B 263 11.61 -3.46 -46.46
CA PRO B 263 12.14 -2.91 -47.71
C PRO B 263 13.52 -3.49 -47.95
N GLN B 264 13.61 -4.39 -48.93
CA GLN B 264 14.00 -5.76 -48.64
C GLN B 264 15.40 -5.80 -48.06
N PRO B 265 16.29 -4.97 -48.59
CA PRO B 265 17.68 -5.38 -48.75
C PRO B 265 18.26 -5.68 -47.38
N ALA B 266 17.94 -4.85 -46.40
CA ALA B 266 18.34 -5.11 -45.03
C ALA B 266 17.71 -6.42 -44.55
N HIS B 267 16.48 -6.65 -44.96
CA HIS B 267 15.52 -7.35 -44.11
C HIS B 267 15.45 -8.83 -44.42
N ARG B 268 16.35 -9.29 -45.29
CA ARG B 268 16.25 -10.61 -45.89
C ARG B 268 16.32 -11.66 -44.80
N PHE B 269 17.16 -11.37 -43.82
CA PHE B 269 17.38 -12.23 -42.66
C PHE B 269 16.14 -12.42 -41.78
N LEU B 270 15.30 -11.39 -41.72
CA LEU B 270 14.57 -11.07 -40.50
C LEU B 270 13.68 -12.23 -40.12
N PHE B 271 13.10 -12.88 -41.12
CA PHE B 271 12.19 -13.99 -40.90
C PHE B 271 12.90 -15.13 -40.20
N LEU B 272 14.14 -15.37 -40.60
CA LEU B 272 14.96 -16.39 -39.96
C LEU B 272 15.21 -16.04 -38.50
N LYS B 273 15.50 -14.77 -38.24
CA LYS B 273 15.76 -14.34 -36.89
C LYS B 273 14.54 -14.52 -36.00
N ILE B 274 13.37 -14.15 -36.51
CA ILE B 274 12.14 -14.28 -35.76
C ILE B 274 11.87 -15.74 -35.45
N MET B 275 12.08 -16.59 -36.45
CA MET B 275 11.89 -18.02 -36.29
C MET B 275 12.86 -18.56 -35.25
N ALA B 276 14.06 -18.02 -35.24
CA ALA B 276 15.06 -18.36 -34.25
C ALA B 276 14.57 -17.96 -32.86
N MET B 277 13.96 -16.80 -32.79
CA MET B 277 13.48 -16.28 -31.52
C MET B 277 12.41 -17.19 -30.93
N LEU B 278 11.54 -17.68 -31.79
CA LEU B 278 10.46 -18.56 -31.34
C LEU B 278 11.02 -19.85 -30.76
N THR B 279 12.04 -20.39 -31.41
CA THR B 279 12.68 -21.61 -30.95
C THR B 279 13.29 -21.38 -29.58
N GLU B 280 13.88 -20.21 -29.40
CA GLU B 280 14.45 -19.84 -28.13
C GLU B 280 13.35 -19.79 -27.08
N LEU B 281 12.21 -19.26 -27.47
CA LEU B 281 11.11 -19.08 -26.55
C LEU B 281 10.65 -20.43 -26.03
N ARG B 282 10.58 -21.40 -26.93
CA ARG B 282 10.07 -22.71 -26.56
C ARG B 282 10.98 -23.34 -25.52
N SER B 283 12.27 -23.18 -25.69
CA SER B 283 13.23 -23.62 -24.69
C SER B 283 13.06 -22.86 -23.39
N ILE B 284 12.87 -21.54 -23.50
CA ILE B 284 12.71 -20.70 -22.32
C ILE B 284 11.46 -21.10 -21.57
N ASN B 285 10.41 -21.46 -22.31
CA ASN B 285 9.17 -21.86 -21.68
C ASN B 285 9.42 -23.10 -20.84
N ALA B 286 10.22 -24.02 -21.37
CA ALA B 286 10.55 -25.23 -20.65
C ALA B 286 11.31 -24.90 -19.38
N GLN B 287 12.24 -23.97 -19.46
CA GLN B 287 13.01 -23.58 -18.29
C GLN B 287 12.10 -22.98 -17.22
N HIS B 288 11.16 -22.14 -17.66
CA HIS B 288 10.27 -21.46 -16.74
C HIS B 288 9.43 -22.50 -16.01
N THR B 289 8.98 -23.51 -16.74
CA THR B 289 8.07 -24.49 -16.18
C THR B 289 8.72 -25.22 -15.03
N GLN B 290 9.99 -25.56 -15.19
CA GLN B 290 10.73 -26.21 -14.12
C GLN B 290 10.83 -25.27 -12.92
N ARG B 291 11.09 -24.01 -13.19
CA ARG B 291 11.30 -23.05 -12.12
C ARG B 291 10.05 -22.92 -11.28
N LEU B 292 8.91 -22.86 -11.93
CA LEU B 292 7.65 -22.73 -11.21
C LEU B 292 7.43 -23.94 -10.34
N LEU B 293 7.71 -25.12 -10.89
CA LEU B 293 7.50 -26.35 -10.15
C LEU B 293 8.40 -26.39 -8.93
N ARG B 294 9.65 -25.98 -9.10
CA ARG B 294 10.56 -25.89 -7.97
C ARG B 294 10.08 -24.86 -6.96
N ILE B 295 9.68 -23.69 -7.43
CA ILE B 295 9.23 -22.66 -6.53
C ILE B 295 7.97 -23.07 -5.76
N GLN B 296 7.04 -23.68 -6.48
CA GLN B 296 5.77 -24.03 -5.84
C GLN B 296 6.06 -25.02 -4.74
N ASP B 297 6.91 -26.00 -5.02
CA ASP B 297 6.98 -27.17 -4.18
C ASP B 297 7.45 -26.86 -2.76
N ILE B 298 8.54 -26.12 -2.64
CA ILE B 298 8.82 -25.38 -1.40
C ILE B 298 7.80 -24.29 -1.09
N HIS B 299 7.43 -23.53 -2.11
CA HIS B 299 6.41 -22.49 -1.98
C HIS B 299 5.32 -22.73 -3.01
N PRO B 300 4.07 -22.56 -2.60
CA PRO B 300 2.97 -22.48 -3.56
C PRO B 300 2.40 -21.07 -3.65
N PHE B 301 2.45 -20.47 -4.82
CA PHE B 301 1.73 -19.23 -5.10
C PHE B 301 0.54 -19.41 -6.05
N ALA B 302 0.54 -20.50 -6.79
CA ALA B 302 -0.09 -20.51 -8.11
C ALA B 302 -1.60 -20.38 -7.99
N THR B 303 -2.19 -19.57 -8.87
CA THR B 303 -3.63 -19.48 -8.96
C THR B 303 -4.25 -20.71 -9.59
N PRO B 304 -5.55 -20.88 -9.41
CA PRO B 304 -6.23 -22.09 -9.87
C PRO B 304 -6.13 -22.22 -11.39
N LEU B 305 -6.23 -21.10 -12.09
CA LEU B 305 -6.06 -21.08 -13.53
C LEU B 305 -4.67 -21.49 -13.94
N MET B 306 -3.67 -21.02 -13.21
CA MET B 306 -2.29 -21.41 -13.46
C MET B 306 -2.06 -22.91 -13.27
N GLN B 307 -2.63 -23.47 -12.20
CA GLN B 307 -2.56 -24.90 -12.00
C GLN B 307 -3.27 -25.63 -13.12
N GLU B 308 -4.44 -25.13 -13.48
CA GLU B 308 -5.21 -25.73 -14.55
C GLU B 308 -4.45 -25.67 -15.86
N LEU B 309 -3.77 -24.55 -16.09
CA LEU B 309 -2.98 -24.36 -17.30
C LEU B 309 -1.71 -25.19 -17.29
N PHE B 310 -1.21 -25.51 -16.11
CA PHE B 310 0.08 -26.18 -16.00
C PHE B 310 -0.01 -27.42 -15.13
N ASP C 16 -19.68 2.42 35.85
CA ASP C 16 -20.75 2.39 34.85
C ASP C 16 -20.36 3.19 33.63
N LEU C 17 -20.75 2.69 32.46
CA LEU C 17 -20.70 3.46 31.24
C LEU C 17 -22.09 3.63 30.65
N GLU C 18 -22.43 4.86 30.30
CA GLU C 18 -23.79 5.21 29.93
C GLU C 18 -23.84 5.75 28.50
N VAL C 19 -24.91 5.43 27.79
CA VAL C 19 -25.25 6.16 26.58
C VAL C 19 -26.25 7.26 26.94
N VAL C 20 -25.80 8.50 26.92
CA VAL C 20 -26.69 9.62 27.15
C VAL C 20 -27.77 9.74 26.09
N ALA C 21 -27.37 9.61 24.83
CA ALA C 21 -28.31 9.67 23.72
C ALA C 21 -27.90 8.74 22.60
N ALA C 22 -28.88 8.31 21.80
CA ALA C 22 -28.62 7.53 20.62
C ALA C 22 -29.41 8.05 19.44
N THR C 23 -28.84 7.90 18.24
CA THR C 23 -29.61 7.79 17.02
C THR C 23 -29.10 6.60 16.21
N PRO C 24 -29.87 6.16 15.23
CA PRO C 24 -29.63 4.84 14.65
C PRO C 24 -28.24 4.81 14.02
N THR C 25 -27.85 5.91 13.39
CA THR C 25 -26.46 6.10 12.98
C THR C 25 -25.48 6.17 14.16
N SER C 26 -25.88 6.87 15.21
CA SER C 26 -24.92 7.63 16.02
C SER C 26 -25.14 7.47 17.51
N LEU C 27 -24.07 7.61 18.29
CA LEU C 27 -24.13 7.41 19.73
C LEU C 27 -23.51 8.57 20.50
N LEU C 28 -24.07 8.89 21.66
CA LEU C 28 -23.37 9.69 22.64
C LEU C 28 -23.20 8.93 23.95
N ILE C 29 -21.98 8.87 24.46
CA ILE C 29 -21.66 7.98 25.56
C ILE C 29 -20.90 8.70 26.65
N SER C 30 -21.08 8.26 27.90
CA SER C 30 -20.40 8.88 29.02
C SER C 30 -19.78 7.83 29.94
N TRP C 31 -18.72 8.20 30.64
CA TRP C 31 -18.23 7.44 31.77
C TRP C 31 -17.94 8.33 32.97
N PRO C 32 -18.06 7.78 34.16
CA PRO C 32 -17.58 8.49 35.36
C PRO C 32 -16.07 8.68 35.33
N PRO C 33 -15.58 9.81 35.80
CA PRO C 33 -14.15 9.92 36.06
C PRO C 33 -13.76 8.95 37.15
N PRO C 34 -12.64 8.26 36.99
CA PRO C 34 -11.98 7.61 38.14
C PRO C 34 -11.44 8.63 39.12
N TYR C 35 -11.48 8.30 40.42
CA TYR C 35 -10.80 7.12 40.89
C TYR C 35 -9.32 7.25 40.52
N TYR C 36 -8.82 6.31 39.72
CA TYR C 36 -7.42 6.30 39.39
C TYR C 36 -7.18 7.27 38.24
N VAL C 37 -7.39 8.55 38.53
CA VAL C 37 -6.62 9.62 37.95
C VAL C 37 -6.03 10.49 39.07
N GLU C 38 -4.78 10.92 38.93
CA GLU C 38 -4.25 11.29 37.63
C GLU C 38 -4.25 10.08 36.74
N GLY C 39 -3.72 8.98 37.26
CA GLY C 39 -3.27 7.87 36.45
C GLY C 39 -2.98 8.20 35.00
N VAL C 40 -3.97 8.76 34.32
CA VAL C 40 -4.29 8.29 32.98
C VAL C 40 -3.97 9.37 31.97
N THR C 41 -3.10 9.05 31.02
CA THR C 41 -2.82 9.93 29.91
C THR C 41 -4.03 10.16 29.00
N VAL C 42 -4.68 9.08 28.61
CA VAL C 42 -5.80 9.14 27.68
C VAL C 42 -6.75 7.98 27.92
N PHE C 43 -7.96 8.10 27.41
CA PHE C 43 -8.80 6.93 27.22
C PHE C 43 -8.79 6.51 25.78
N ARG C 44 -8.33 5.29 25.52
CA ARG C 44 -8.71 4.58 24.30
C ARG C 44 -10.18 4.23 24.35
N ILE C 45 -10.87 4.41 23.23
CA ILE C 45 -12.21 3.86 23.08
C ILE C 45 -12.29 2.93 21.89
N THR C 46 -12.82 1.73 22.12
CA THR C 46 -13.11 0.80 21.05
C THR C 46 -14.61 0.52 20.98
N TYR C 47 -15.19 0.70 19.81
CA TYR C 47 -16.49 0.12 19.52
C TYR C 47 -16.41 -0.85 18.35
N GLY C 48 -16.96 -2.05 18.56
CA GLY C 48 -17.07 -3.03 17.51
C GLY C 48 -18.43 -3.71 17.50
N GLU C 49 -18.82 -4.20 16.33
CA GLU C 49 -20.08 -4.91 16.19
C GLU C 49 -20.06 -6.20 17.01
N THR C 50 -21.15 -6.44 17.73
CA THR C 50 -21.07 -6.76 19.15
C THR C 50 -20.37 -8.08 19.41
N GLY C 51 -20.69 -9.08 18.60
CA GLY C 51 -19.71 -10.08 18.20
C GLY C 51 -19.54 -10.12 16.70
N GLY C 52 -18.29 -10.10 16.25
CA GLY C 52 -17.95 -9.36 15.05
C GLY C 52 -17.51 -10.28 13.93
N ASN C 53 -18.13 -10.11 12.77
CA ASN C 53 -17.40 -9.93 11.53
C ASN C 53 -16.55 -8.68 11.59
N SER C 54 -17.08 -7.65 12.23
CA SER C 54 -16.50 -6.31 12.14
C SER C 54 -15.10 -6.27 12.73
N PRO C 55 -14.20 -5.54 12.07
CA PRO C 55 -13.00 -5.03 12.73
C PRO C 55 -13.37 -4.03 13.83
N VAL C 56 -12.66 -4.10 14.94
CA VAL C 56 -12.86 -3.14 16.02
C VAL C 56 -12.42 -1.75 15.59
N GLN C 57 -13.08 -0.72 16.12
CA GLN C 57 -12.62 0.65 15.97
C GLN C 57 -12.21 1.23 17.32
N GLU C 58 -11.03 1.82 17.36
CA GLU C 58 -10.55 2.50 18.56
C GLU C 58 -10.13 3.93 18.26
N PHE C 59 -10.55 4.85 19.12
CA PHE C 59 -10.01 6.20 19.13
C PHE C 59 -9.79 6.70 20.55
N THR C 60 -8.98 7.75 20.71
CA THR C 60 -8.45 8.11 22.01
C THR C 60 -8.76 9.56 22.33
N VAL C 61 -8.97 9.83 23.61
CA VAL C 61 -9.33 11.17 24.05
C VAL C 61 -8.62 11.56 25.33
N PRO C 62 -8.52 12.84 25.61
CA PRO C 62 -7.71 13.31 26.74
C PRO C 62 -8.31 12.87 28.06
N TYR C 63 -7.48 12.78 29.08
CA TYR C 63 -7.87 12.16 30.34
C TYR C 63 -9.02 12.91 30.99
N TRP C 64 -9.06 14.21 30.76
CA TRP C 64 -10.15 15.03 31.27
C TRP C 64 -11.51 14.65 30.71
N THR C 65 -11.55 14.21 29.46
CA THR C 65 -12.82 14.05 28.77
C THR C 65 -13.67 12.99 29.46
N GLU C 66 -14.92 13.34 29.76
CA GLU C 66 -15.90 12.37 30.24
C GLU C 66 -16.85 11.85 29.17
N THR C 67 -16.78 12.39 27.97
CA THR C 67 -17.82 12.13 26.98
C THR C 67 -17.25 11.82 25.60
N ALA C 68 -17.94 10.95 24.86
CA ALA C 68 -17.48 10.54 23.54
C ALA C 68 -18.61 10.48 22.53
N THR C 69 -18.26 10.60 21.25
CA THR C 69 -19.22 10.45 20.16
C THR C 69 -18.83 9.30 19.24
N ILE C 70 -19.76 8.40 18.98
CA ILE C 70 -19.57 7.34 18.00
C ILE C 70 -20.58 7.41 16.87
N SER C 71 -20.09 7.28 15.65
CA SER C 71 -20.82 7.74 14.48
C SER C 71 -20.71 6.71 13.35
N GLY C 72 -21.64 6.77 12.40
CA GLY C 72 -21.58 5.91 11.24
C GLY C 72 -22.13 4.51 11.48
N LEU C 73 -22.75 4.32 12.63
CA LEU C 73 -23.25 3.01 13.03
C LEU C 73 -24.40 2.51 12.16
N LYS C 74 -24.43 1.20 11.93
CA LYS C 74 -25.58 0.54 11.33
C LYS C 74 -26.80 0.52 12.24
N PRO C 75 -27.98 0.69 11.65
CA PRO C 75 -29.23 0.52 12.39
C PRO C 75 -29.44 -0.94 12.81
N GLY C 76 -30.07 -1.15 13.96
CA GLY C 76 -30.57 -2.46 14.30
C GLY C 76 -29.50 -3.40 14.82
N VAL C 77 -28.33 -2.85 15.15
CA VAL C 77 -27.17 -3.67 15.48
C VAL C 77 -26.60 -3.28 16.84
N ASP C 78 -26.84 -4.77 17.12
CA ASP C 78 -26.28 -4.89 18.46
C ASP C 78 -24.77 -4.67 18.45
N TYR C 79 -24.27 -3.97 19.46
CA TYR C 79 -22.92 -3.44 19.41
C TYR C 79 -22.18 -3.72 20.71
N THR C 80 -20.86 -3.72 20.64
CA THR C 80 -20.04 -3.76 21.84
C THR C 80 -19.11 -2.57 21.93
N ILE C 81 -19.19 -1.85 23.05
CA ILE C 81 -18.38 -0.67 23.27
C ILE C 81 -17.46 -0.80 24.48
N THR C 82 -16.17 -0.57 24.26
CA THR C 82 -15.15 -0.79 25.27
C THR C 82 -14.35 0.48 25.50
N VAL C 83 -14.13 0.82 26.77
CA VAL C 83 -13.27 1.94 27.11
C VAL C 83 -12.05 1.47 27.90
N TYR C 84 -10.87 1.88 27.43
CA TYR C 84 -9.62 1.55 28.12
C TYR C 84 -8.95 2.82 28.61
N ALA C 85 -8.50 2.80 29.86
CA ALA C 85 -7.92 3.97 30.46
C ALA C 85 -6.42 3.78 30.65
N GLU C 86 -5.64 4.75 30.21
CA GLU C 86 -4.27 4.52 29.81
C GLU C 86 -3.35 5.34 30.69
N MET C 87 -2.29 4.71 31.17
CA MET C 87 -1.65 5.16 32.39
C MET C 87 -0.25 5.66 32.07
N TYR C 88 0.06 6.86 32.53
CA TYR C 88 1.39 7.39 32.36
C TYR C 88 2.39 6.58 33.15
N PRO C 89 3.57 6.34 32.62
CA PRO C 89 4.27 5.11 33.01
C PRO C 89 4.55 5.09 34.52
N GLY C 90 4.21 3.99 35.18
CA GLY C 90 4.34 3.89 36.62
C GLY C 90 3.58 4.91 37.47
N SER C 91 2.32 5.14 37.17
CA SER C 91 1.38 5.61 38.19
C SER C 91 1.17 4.62 39.33
N PRO C 92 0.61 3.45 39.02
CA PRO C 92 -0.82 3.35 38.71
C PRO C 92 -1.68 3.79 39.88
N TRP C 93 -2.99 3.82 39.69
CA TRP C 93 -3.86 4.86 40.23
C TRP C 93 -3.12 6.17 40.50
N MET C 98 -4.01 -2.03 41.51
CA MET C 98 -3.95 -1.78 40.07
C MET C 98 -4.83 -2.76 39.30
N ASP C 99 -4.46 -3.01 38.05
CA ASP C 99 -4.72 -2.06 36.97
C ASP C 99 -6.21 -1.85 36.77
N ILE C 100 -6.98 -2.92 36.77
CA ILE C 100 -7.88 -3.22 35.66
C ILE C 100 -9.34 -3.13 36.09
N GLN C 101 -10.17 -2.50 35.27
CA GLN C 101 -10.74 -3.16 34.11
C GLN C 101 -10.93 -2.20 32.93
N PRO C 102 -10.98 -2.74 31.72
CA PRO C 102 -11.81 -2.16 30.67
C PRO C 102 -13.28 -2.25 31.03
N ILE C 103 -14.05 -1.24 30.66
CA ILE C 103 -15.48 -1.22 30.95
C ILE C 103 -16.29 -1.21 29.66
N SER C 104 -17.30 -2.07 29.59
CA SER C 104 -17.90 -2.46 28.32
C SER C 104 -19.42 -2.39 28.35
N ILE C 105 -20.01 -2.08 27.20
CA ILE C 105 -21.47 -2.08 27.07
C ILE C 105 -21.88 -2.57 25.68
N ASN C 106 -23.13 -3.00 25.53
CA ASN C 106 -23.70 -3.27 24.22
C ASN C 106 -24.98 -2.47 23.93
N TYR C 107 -25.07 -1.92 22.72
CA TYR C 107 -26.25 -1.14 22.33
C TYR C 107 -26.71 -1.50 20.92
N ARG C 108 -27.99 -1.31 20.65
CA ARG C 108 -28.58 -1.72 19.38
C ARG C 108 -29.20 -0.54 18.64
N THR C 109 -28.90 -0.41 17.34
CA THR C 109 -29.65 0.47 16.46
C THR C 109 -31.14 0.44 16.78
N ASP D 16 -27.45 -26.89 -13.53
CA ASP D 16 -27.30 -27.28 -12.13
C ASP D 16 -25.85 -27.14 -11.69
N LEU D 17 -25.66 -26.74 -10.44
CA LEU D 17 -24.34 -26.70 -9.84
C LEU D 17 -24.28 -27.61 -8.64
N GLU D 18 -23.26 -28.46 -8.59
CA GLU D 18 -23.23 -29.59 -7.67
C GLU D 18 -22.03 -29.50 -6.77
N VAL D 19 -22.20 -29.83 -5.50
CA VAL D 19 -21.06 -30.18 -4.66
C VAL D 19 -20.90 -31.69 -4.65
N VAL D 20 -19.87 -32.18 -5.32
CA VAL D 20 -19.53 -33.60 -5.26
C VAL D 20 -19.14 -34.04 -3.86
N ALA D 21 -18.30 -33.25 -3.20
CA ALA D 21 -17.83 -33.57 -1.87
C ALA D 21 -17.66 -32.32 -1.02
N ALA D 22 -17.79 -32.50 0.30
CA ALA D 22 -17.49 -31.44 1.24
C ALA D 22 -16.63 -31.97 2.38
N THR D 23 -15.78 -31.10 2.90
CA THR D 23 -15.36 -31.15 4.29
C THR D 23 -15.52 -29.76 4.89
N PRO D 24 -15.47 -29.67 6.20
CA PRO D 24 -15.95 -28.46 6.88
C PRO D 24 -15.11 -27.27 6.44
N THR D 25 -13.82 -27.49 6.26
CA THR D 25 -12.96 -26.54 5.57
C THR D 25 -13.33 -26.33 4.11
N SER D 26 -13.66 -27.42 3.42
CA SER D 26 -13.28 -27.57 2.01
C SER D 26 -14.44 -28.05 1.15
N LEU D 27 -14.45 -27.66 -0.11
CA LEU D 27 -15.50 -28.07 -1.04
C LEU D 27 -14.94 -28.61 -2.35
N LEU D 28 -15.63 -29.59 -2.92
CA LEU D 28 -15.47 -29.92 -4.32
C LEU D 28 -16.78 -29.72 -5.07
N ILE D 29 -16.73 -28.99 -6.18
CA ILE D 29 -17.93 -28.55 -6.86
C ILE D 29 -17.86 -28.86 -8.35
N SER D 30 -19.01 -29.13 -8.95
CA SER D 30 -19.08 -29.44 -10.36
C SER D 30 -20.18 -28.65 -11.05
N TRP D 31 -20.00 -28.39 -12.34
CA TRP D 31 -21.08 -27.90 -13.18
C TRP D 31 -21.12 -28.65 -14.50
N PRO D 32 -22.29 -28.73 -15.11
CA PRO D 32 -22.39 -29.26 -16.46
C PRO D 32 -21.68 -28.35 -17.45
N PRO D 33 -21.01 -28.92 -18.45
CA PRO D 33 -20.60 -28.11 -19.60
C PRO D 33 -21.84 -27.58 -20.30
N PRO D 34 -21.83 -26.31 -20.67
CA PRO D 34 -22.80 -25.83 -21.67
C PRO D 34 -22.53 -26.46 -23.02
N TYR D 35 -23.57 -26.61 -23.84
CA TYR D 35 -24.41 -25.46 -24.17
C TYR D 35 -23.54 -24.37 -24.80
N TYR D 36 -23.49 -23.23 -24.13
CA TYR D 36 -23.20 -21.96 -24.79
C TYR D 36 -21.82 -22.01 -25.41
N VAL D 37 -20.91 -22.75 -24.80
CA VAL D 37 -19.62 -22.96 -25.39
C VAL D 37 -19.81 -23.64 -26.74
N GLU D 38 -19.05 -23.22 -27.74
CA GLU D 38 -17.70 -22.75 -27.54
C GLU D 38 -17.70 -21.52 -26.65
N GLY D 39 -18.56 -20.57 -26.99
CA GLY D 39 -18.65 -19.30 -26.30
C GLY D 39 -17.45 -18.85 -25.50
N VAL D 40 -16.99 -19.68 -24.56
CA VAL D 40 -16.57 -19.16 -23.27
C VAL D 40 -15.07 -19.28 -23.11
N THR D 41 -14.40 -18.15 -22.91
CA THR D 41 -12.99 -18.15 -22.56
C THR D 41 -12.71 -18.81 -21.22
N VAL D 42 -13.48 -18.41 -20.21
CA VAL D 42 -13.12 -18.69 -18.83
C VAL D 42 -14.37 -18.95 -18.01
N PHE D 43 -14.20 -19.67 -16.91
CA PHE D 43 -15.21 -19.73 -15.88
C PHE D 43 -14.71 -18.99 -14.65
N ARG D 44 -15.52 -18.07 -14.15
CA ARG D 44 -15.17 -17.34 -12.95
C ARG D 44 -16.05 -17.79 -11.82
N ILE D 45 -15.44 -18.15 -10.69
CA ILE D 45 -16.17 -18.66 -9.55
C ILE D 45 -16.06 -17.66 -8.41
N THR D 46 -17.20 -17.28 -7.86
CA THR D 46 -17.23 -16.50 -6.63
C THR D 46 -17.89 -17.33 -5.53
N TYR D 47 -17.21 -17.47 -4.40
CA TYR D 47 -17.86 -17.91 -3.18
C TYR D 47 -17.74 -16.86 -2.09
N GLY D 48 -18.87 -16.54 -1.47
CA GLY D 48 -18.88 -15.77 -0.25
C GLY D 48 -19.77 -16.38 0.82
N GLU D 49 -19.43 -16.14 2.07
CA GLU D 49 -20.34 -16.44 3.17
C GLU D 49 -21.57 -15.57 3.05
N THR D 50 -22.74 -16.17 3.28
CA THR D 50 -23.97 -15.68 2.67
C THR D 50 -24.31 -14.26 3.13
N GLY D 51 -24.08 -13.98 4.41
CA GLY D 51 -23.95 -12.61 4.86
C GLY D 51 -22.73 -11.94 4.24
N GLY D 52 -22.88 -10.68 3.87
CA GLY D 52 -21.76 -9.76 3.84
C GLY D 52 -21.26 -9.46 5.23
N ASN D 53 -19.98 -9.15 5.34
CA ASN D 53 -19.11 -9.85 6.29
C ASN D 53 -18.58 -11.17 5.76
N SER D 54 -18.84 -11.44 4.49
CA SER D 54 -17.77 -11.82 3.57
C SER D 54 -17.59 -10.78 2.47
N PRO D 55 -16.35 -10.36 2.27
CA PRO D 55 -15.90 -10.00 0.92
C PRO D 55 -15.94 -11.22 0.02
N VAL D 56 -16.43 -11.05 -1.20
CA VAL D 56 -16.53 -12.15 -2.15
C VAL D 56 -15.15 -12.60 -2.61
N GLN D 57 -15.03 -13.88 -2.94
CA GLN D 57 -13.85 -14.39 -3.60
C GLN D 57 -14.17 -14.89 -4.99
N GLU D 58 -13.38 -14.45 -5.97
CA GLU D 58 -13.45 -15.01 -7.31
C GLU D 58 -12.12 -15.61 -7.73
N PHE D 59 -12.18 -16.78 -8.33
CA PHE D 59 -11.07 -17.30 -9.12
C PHE D 59 -11.56 -17.90 -10.43
N THR D 60 -10.66 -18.05 -11.39
CA THR D 60 -11.06 -18.30 -12.77
C THR D 60 -10.41 -19.58 -13.28
N VAL D 61 -11.13 -20.30 -14.13
CA VAL D 61 -10.61 -21.55 -14.65
C VAL D 61 -10.89 -21.67 -16.14
N PRO D 62 -10.12 -22.50 -16.82
CA PRO D 62 -10.22 -22.61 -18.28
C PRO D 62 -11.55 -23.19 -18.67
N TYR D 63 -12.01 -22.90 -19.89
CA TYR D 63 -13.38 -23.17 -20.29
C TYR D 63 -13.64 -24.67 -20.23
N TRP D 64 -12.60 -25.46 -20.45
CA TRP D 64 -12.73 -26.91 -20.37
C TRP D 64 -13.11 -27.40 -18.99
N THR D 65 -12.64 -26.74 -17.95
CA THR D 65 -12.75 -27.30 -16.60
C THR D 65 -14.21 -27.45 -16.23
N GLU D 66 -14.59 -28.64 -15.76
CA GLU D 66 -15.89 -28.85 -15.14
C GLU D 66 -15.87 -28.84 -13.62
N THR D 67 -14.69 -28.73 -13.01
CA THR D 67 -14.56 -29.00 -11.58
C THR D 67 -13.75 -27.93 -10.86
N ALA D 68 -14.13 -27.64 -9.63
CA ALA D 68 -13.46 -26.59 -8.85
C ALA D 68 -13.24 -27.02 -7.40
N THR D 69 -12.25 -26.40 -6.77
CA THR D 69 -11.99 -26.60 -5.34
C THR D 69 -12.11 -25.28 -4.58
N ILE D 70 -12.85 -25.29 -3.48
CA ILE D 70 -12.88 -24.16 -2.56
C ILE D 70 -12.42 -24.54 -1.16
N SER D 71 -11.55 -23.71 -0.59
CA SER D 71 -10.77 -24.08 0.57
C SER D 71 -10.72 -22.93 1.56
N GLY D 72 -10.39 -23.23 2.81
CA GLY D 72 -10.33 -22.20 3.85
C GLY D 72 -11.69 -21.82 4.39
N LEU D 73 -12.69 -22.63 4.05
CA LEU D 73 -14.07 -22.40 4.49
C LEU D 73 -14.24 -22.69 5.97
N LYS D 74 -15.30 -22.13 6.55
CA LYS D 74 -15.42 -22.04 8.00
C LYS D 74 -16.57 -22.90 8.51
N PRO D 75 -16.30 -23.73 9.51
CA PRO D 75 -17.15 -24.89 9.76
C PRO D 75 -18.55 -24.45 10.13
N GLY D 76 -19.55 -25.17 9.64
CA GLY D 76 -20.92 -24.88 10.00
C GLY D 76 -21.29 -23.44 9.69
N VAL D 77 -20.82 -22.95 8.55
CA VAL D 77 -21.26 -21.67 8.04
C VAL D 77 -21.99 -21.82 6.71
N ASP D 78 -23.18 -21.25 6.62
CA ASP D 78 -23.92 -21.20 5.36
C ASP D 78 -23.24 -20.30 4.34
N TYR D 79 -23.24 -20.73 3.08
CA TYR D 79 -22.36 -20.15 2.07
C TYR D 79 -23.09 -19.95 0.76
N THR D 80 -22.65 -18.97 -0.03
CA THR D 80 -23.16 -18.79 -1.38
C THR D 80 -22.08 -18.93 -2.45
N ILE D 81 -22.35 -19.74 -3.46
CA ILE D 81 -21.38 -19.98 -4.53
C ILE D 81 -21.91 -19.60 -5.90
N THR D 82 -21.15 -18.81 -6.63
CA THR D 82 -21.57 -18.29 -7.92
C THR D 82 -20.57 -18.69 -9.01
N VAL D 83 -21.09 -19.14 -10.14
CA VAL D 83 -20.27 -19.35 -11.33
C VAL D 83 -20.74 -18.49 -12.49
N TYR D 84 -19.81 -17.76 -13.11
CA TYR D 84 -20.09 -17.07 -14.36
C TYR D 84 -19.25 -17.65 -15.50
N ALA D 85 -19.90 -17.99 -16.60
CA ALA D 85 -19.23 -18.07 -17.89
C ALA D 85 -18.78 -16.70 -18.36
N GLU D 86 -17.59 -16.66 -18.96
CA GLU D 86 -17.09 -15.46 -19.61
C GLU D 86 -16.84 -15.73 -21.07
N MET D 87 -17.23 -14.81 -21.93
CA MET D 87 -17.42 -15.10 -23.34
C MET D 87 -16.44 -14.32 -24.18
N TYR D 88 -15.77 -15.01 -25.09
CA TYR D 88 -14.84 -14.36 -26.00
C TYR D 88 -15.57 -13.40 -26.91
N PRO D 89 -15.00 -12.25 -27.20
CA PRO D 89 -15.87 -11.12 -27.55
C PRO D 89 -16.70 -11.41 -28.80
N GLY D 90 -18.01 -11.16 -28.72
CA GLY D 90 -18.93 -11.49 -29.79
C GLY D 90 -19.01 -12.94 -30.24
N SER D 91 -19.07 -13.86 -29.29
CA SER D 91 -19.64 -15.18 -29.57
C SER D 91 -21.12 -15.10 -29.94
N PRO D 92 -21.94 -14.60 -29.03
CA PRO D 92 -22.25 -15.34 -27.80
C PRO D 92 -23.13 -16.54 -28.10
N TRP D 93 -23.37 -17.37 -27.08
CA TRP D 93 -23.36 -18.82 -27.22
C TRP D 93 -22.45 -19.30 -28.34
N MET D 98 -27.12 -12.53 -25.46
CA MET D 98 -28.34 -12.65 -24.69
C MET D 98 -28.15 -13.51 -23.44
N ASP D 99 -27.42 -12.98 -22.48
CA ASP D 99 -26.31 -13.67 -21.84
C ASP D 99 -26.73 -14.92 -21.05
N ILE D 100 -27.76 -14.77 -20.22
CA ILE D 100 -27.67 -15.20 -18.82
C ILE D 100 -27.72 -16.72 -18.71
N GLN D 101 -27.25 -17.25 -17.58
CA GLN D 101 -27.15 -16.48 -16.35
C GLN D 101 -26.13 -17.10 -15.41
N PRO D 102 -25.71 -16.34 -14.40
CA PRO D 102 -24.88 -16.92 -13.32
C PRO D 102 -25.67 -17.97 -12.55
N ILE D 103 -24.99 -19.02 -12.11
CA ILE D 103 -25.65 -20.11 -11.39
C ILE D 103 -25.12 -20.24 -9.97
N SER D 104 -26.04 -20.37 -9.01
CA SER D 104 -25.70 -20.17 -7.60
C SER D 104 -26.25 -21.28 -6.71
N ILE D 105 -25.57 -21.52 -5.60
CA ILE D 105 -26.10 -22.39 -4.55
C ILE D 105 -25.51 -22.00 -3.18
N ASN D 106 -26.09 -22.52 -2.11
CA ASN D 106 -25.48 -22.41 -0.77
C ASN D 106 -25.26 -23.75 -0.06
N TYR D 107 -24.11 -23.89 0.58
CA TYR D 107 -23.80 -25.09 1.35
C TYR D 107 -23.46 -24.73 2.78
N ARG D 108 -24.00 -25.49 3.73
CA ARG D 108 -23.83 -25.19 5.15
C ARG D 108 -22.40 -25.46 5.61
N THR D 109 -21.99 -26.71 5.52
CA THR D 109 -20.97 -27.26 6.41
C THR D 109 -21.51 -27.49 7.81
#